data_3N85
#
_entry.id   3N85
#
_cell.length_a   182.220
_cell.length_b   182.220
_cell.length_c   330.851
_cell.angle_alpha   90.00
_cell.angle_beta   90.00
_cell.angle_gamma   120.00
#
_symmetry.space_group_name_H-M   'P 63 2 2'
#
loop_
_entity.id
_entity.type
_entity.pdbx_description
1 polymer 'Receptor tyrosine-protein kinase erbB-2'
2 polymer 'Fab37 Light Chain'
3 polymer 'Fab37 Heavy Chain'
4 branched beta-D-mannopyranose-(1-4)-2-acetamido-2-deoxy-beta-D-glucopyranose-(1-4)-[alpha-L-fucopyranose-(1-6)]2-acetamido-2-deoxy-beta-D-glucopyranose
5 branched beta-D-mannopyranose-(1-4)-2-acetamido-2-deoxy-beta-D-glucopyranose-(1-4)-2-acetamido-2-deoxy-beta-D-glucopyranose
6 non-polymer 'CHLORIDE ION'
7 non-polymer 'SULFATE ION'
#
loop_
_entity_poly.entity_id
_entity_poly.type
_entity_poly.pdbx_seq_one_letter_code
_entity_poly.pdbx_strand_id
1 'polypeptide(L)'
;TQVCTGTDMKLRLPASPETHLDMLRHLYQGCQVVQGNLELTYLPTNASLSFLQDIQEVQGYVLIAHNQVRQVPLQRLRIV
RGTQLFEDNYALAVLDNGDPLNNTTPVTGASPGGLRELQLRSLTEILKGGVLIQRNPQLCYQDTILWKDIFHKNNQLALT
LIDTNRSRACHPCSPMCKGSRCWGESSEDCQSLTRTVCAGGCARCKGPLPTDCCHEQCAAGCTGPKHSDCLACLHFNHSG
ICELHCPALVTYNTDTFESMPNPEGRYTFGASCVTACPYNYLSTDVGSCTLVCPLHNQEVTAEDGTQRCEKCSKPCARVC
YGLGMEHLREVRAVTSANIQEFAGCKKIFGSLAFLPESFDGDPASNTAPLQPEQLQVFETLEEITGYLYISAWPDSLPDL
SVFQNLQVIRGRILHNGAYSLTLQGLGISWLGLRSLRELGSGLALIHHNTHLCFVHTVPWDQLFRNPHQALLHTANRPED
ECVGEGLACHQLCARGHCWGPGPTQCVNCSQFLRGQECVEECRVLQGLPREYVNARHCLPCHPECQPQNGSVTCFGPEAD
QCVACAHYKDPPFCVARCPSGVKPDLSYMPIWKFPDEEGACQPCPINCTHSCVDLDDKGCPAEQ
;
A
2 'polypeptide(L)'
;DIQMTQSPSSLSASVGDRVTITCRASQSVSSAVAWYQQKPGKAPKLLIYSASSLYSGVPSRFSGSRSGTDFTLTISSLQP
EDFATYYCQQWWWWPSTFGQGTKVEIKRTVAAPSVFIFPPSDEQLKSGTASVVCLLNNFYPREAKVQWKVDNALQSGNSQ
ESVTEQDSKDSTYSLSSTLTLSKADYEKHKVYACEVTHQGLSSPVTKSFNRGECEIS
;
L
3 'polypeptide(L)'
;EVQLVESGGGLVQPGGSLRLSCAASGFSIWWSWIHWVRQAPGKGLEWVASISPSSGWTSYADSVKGRFTISADTSKNTAY
LQMNSLRAEDTAVYYCARWWSSAMDYWGQGTLVTVSSASTKGPSVFPLAPSSKSTSGGTAALGCLVKDYFPEPVTVSWNS
GALTSGVHTFPAVLQSSGLYSLSSVVTVPSSSLGTQTYICNVNHKPSNTKVDKKVEPKSCDKTH
;
H
#
# COMPACT_ATOMS: atom_id res chain seq x y z
N THR A 1 -20.22 28.91 -14.26
CA THR A 1 -21.51 28.45 -13.67
C THR A 1 -21.90 29.30 -12.44
N GLN A 2 -23.20 29.39 -12.17
CA GLN A 2 -23.79 30.24 -11.15
C GLN A 2 -24.27 29.47 -9.91
N VAL A 3 -24.59 28.19 -10.11
CA VAL A 3 -25.11 27.35 -9.04
C VAL A 3 -24.00 26.46 -8.51
N CYS A 4 -23.81 26.49 -7.18
CA CYS A 4 -22.76 25.71 -6.55
C CYS A 4 -23.25 24.98 -5.29
N THR A 5 -22.54 23.93 -4.89
CA THR A 5 -22.83 23.19 -3.66
C THR A 5 -22.47 24.03 -2.44
N GLY A 6 -23.06 23.72 -1.30
CA GLY A 6 -22.60 24.28 -0.03
C GLY A 6 -21.57 23.38 0.62
N THR A 7 -21.32 23.62 1.90
CA THR A 7 -20.59 22.66 2.71
C THR A 7 -21.53 22.11 3.78
N ASP A 8 -21.04 21.13 4.54
CA ASP A 8 -21.78 20.54 5.64
C ASP A 8 -20.76 20.02 6.65
N MET A 9 -20.18 20.96 7.39
CA MET A 9 -19.15 20.62 8.35
C MET A 9 -19.41 21.33 9.68
N LYS A 10 -20.45 22.15 9.69
CA LYS A 10 -20.92 22.83 10.89
C LYS A 10 -19.76 23.49 11.65
N LEU A 11 -19.59 23.15 12.93
CA LEU A 11 -18.58 23.82 13.74
C LEU A 11 -17.27 23.04 13.85
N ARG A 12 -17.14 21.99 13.05
CA ARG A 12 -15.96 21.13 13.05
C ARG A 12 -14.72 21.87 12.56
N LEU A 13 -13.62 21.71 13.29
CA LEU A 13 -12.34 22.32 12.96
C LEU A 13 -11.75 21.67 11.70
N PRO A 14 -11.36 22.48 10.70
CA PRO A 14 -10.82 22.07 9.39
C PRO A 14 -9.80 20.93 9.41
N ALA A 15 -9.97 19.99 8.48
CA ALA A 15 -9.16 18.79 8.38
C ALA A 15 -7.73 19.08 7.93
N SER A 16 -7.57 20.09 7.08
CA SER A 16 -6.27 20.68 6.78
C SER A 16 -6.45 22.19 6.69
N PRO A 17 -5.98 22.93 7.70
CA PRO A 17 -6.22 24.37 7.76
C PRO A 17 -5.42 25.12 6.70
N GLU A 18 -4.33 24.49 6.25
CA GLU A 18 -3.47 25.01 5.19
C GLU A 18 -4.25 25.32 3.93
N THR A 19 -5.07 24.37 3.50
CA THR A 19 -5.82 24.49 2.25
C THR A 19 -7.32 24.53 2.49
N HIS A 20 -7.73 25.08 3.63
CA HIS A 20 -9.15 25.20 3.95
C HIS A 20 -9.79 26.37 3.20
N LEU A 21 -9.10 27.50 3.17
CA LEU A 21 -9.58 28.69 2.48
C LEU A 21 -9.60 28.47 0.97
N ASP A 22 -8.60 27.77 0.46
CA ASP A 22 -8.57 27.41 -0.96
C ASP A 22 -9.78 26.58 -1.34
N MET A 23 -10.20 25.68 -0.45
CA MET A 23 -11.43 24.93 -0.64
C MET A 23 -12.57 25.94 -0.84
N LEU A 24 -12.82 26.77 0.16
CA LEU A 24 -13.86 27.79 0.08
C LEU A 24 -13.79 28.59 -1.21
N ARG A 25 -12.59 29.05 -1.56
CA ARG A 25 -12.38 29.87 -2.75
C ARG A 25 -12.84 29.18 -4.04
N HIS A 26 -12.36 27.97 -4.28
CA HIS A 26 -12.72 27.20 -5.47
C HIS A 26 -14.22 26.94 -5.50
N LEU A 27 -14.76 26.63 -4.34
CA LEU A 27 -16.16 26.28 -4.20
C LEU A 27 -17.08 27.45 -4.56
N TYR A 28 -16.75 28.66 -4.11
CA TYR A 28 -17.65 29.80 -4.27
C TYR A 28 -17.27 30.83 -5.34
N GLN A 29 -16.04 30.79 -5.84
CA GLN A 29 -15.61 31.69 -6.90
C GLN A 29 -16.61 31.69 -8.05
N GLY A 30 -17.33 32.80 -8.22
CA GLY A 30 -18.29 32.95 -9.31
C GLY A 30 -19.71 32.49 -8.99
N CYS A 31 -19.84 31.68 -7.95
CA CYS A 31 -21.12 31.13 -7.52
C CYS A 31 -22.09 32.23 -7.09
N GLN A 32 -23.36 32.07 -7.48
CA GLN A 32 -24.43 33.05 -7.20
C GLN A 32 -25.52 32.46 -6.33
N VAL A 33 -25.90 31.23 -6.65
CA VAL A 33 -26.89 30.48 -5.89
C VAL A 33 -26.18 29.30 -5.23
N VAL A 34 -26.22 29.26 -3.91
CA VAL A 34 -25.63 28.18 -3.14
C VAL A 34 -26.69 27.12 -2.87
N GLN A 35 -26.60 26.02 -3.60
CA GLN A 35 -27.48 24.87 -3.42
C GLN A 35 -27.12 24.10 -2.16
N GLY A 36 -27.28 24.74 -1.00
CA GLY A 36 -26.96 24.11 0.26
C GLY A 36 -26.64 25.14 1.31
N ASN A 37 -25.78 24.78 2.25
CA ASN A 37 -25.43 25.69 3.34
C ASN A 37 -24.15 26.47 3.05
N LEU A 38 -24.19 27.78 3.30
CA LEU A 38 -23.00 28.62 3.25
C LEU A 38 -22.32 28.66 4.62
N GLU A 39 -21.21 27.93 4.74
CA GLU A 39 -20.48 27.87 6.01
C GLU A 39 -19.13 28.56 5.92
N LEU A 40 -19.05 29.74 6.50
CA LEU A 40 -17.80 30.49 6.53
C LEU A 40 -17.26 30.45 7.94
N THR A 41 -16.43 29.45 8.19
CA THR A 41 -15.84 29.20 9.50
C THR A 41 -14.32 29.27 9.49
N TYR A 42 -13.75 29.56 10.66
CA TYR A 42 -12.31 29.48 10.94
C TYR A 42 -11.44 30.28 9.95
N LEU A 43 -11.86 31.50 9.67
CA LEU A 43 -11.13 32.34 8.73
C LEU A 43 -10.16 33.26 9.47
N PRO A 44 -8.85 33.16 9.13
CA PRO A 44 -7.78 33.95 9.74
C PRO A 44 -7.94 35.44 9.45
N THR A 45 -7.17 36.26 10.14
CA THR A 45 -7.37 37.71 10.11
C THR A 45 -7.21 38.35 8.72
N ASN A 46 -6.08 38.10 8.06
CA ASN A 46 -5.79 38.69 6.75
C ASN A 46 -6.57 38.09 5.56
N ALA A 47 -7.35 37.05 5.82
CA ALA A 47 -8.06 36.27 4.79
C ALA A 47 -8.71 37.09 3.67
N SER A 48 -8.32 36.80 2.43
CA SER A 48 -8.91 37.42 1.24
C SER A 48 -10.18 36.70 0.84
N LEU A 49 -11.33 37.36 0.98
CA LEU A 49 -12.62 36.70 0.78
C LEU A 49 -13.46 37.27 -0.36
N SER A 50 -12.81 37.95 -1.31
CA SER A 50 -13.51 38.58 -2.42
C SER A 50 -14.25 37.60 -3.34
N PHE A 51 -14.03 36.30 -3.14
CA PHE A 51 -14.66 35.28 -3.97
C PHE A 51 -16.13 35.06 -3.60
N LEU A 52 -16.55 35.63 -2.47
CA LEU A 52 -17.92 35.48 -2.00
C LEU A 52 -18.86 36.50 -2.63
N GLN A 53 -18.27 37.52 -3.28
CA GLN A 53 -19.00 38.71 -3.70
C GLN A 53 -20.10 38.53 -4.75
N ASP A 54 -20.30 37.31 -5.25
CA ASP A 54 -21.35 37.06 -6.23
C ASP A 54 -22.52 36.28 -5.66
N ILE A 55 -22.35 35.75 -4.46
CA ILE A 55 -23.42 35.03 -3.77
C ILE A 55 -24.62 35.94 -3.62
N GLN A 56 -25.75 35.47 -4.15
CA GLN A 56 -26.98 36.23 -4.24
C GLN A 56 -28.09 35.56 -3.44
N GLU A 57 -27.95 34.25 -3.24
CA GLU A 57 -29.06 33.43 -2.80
C GLU A 57 -28.53 32.13 -2.14
N VAL A 58 -29.04 31.81 -0.96
CA VAL A 58 -28.64 30.58 -0.25
C VAL A 58 -29.85 29.68 0.10
N GLN A 59 -29.79 28.40 -0.27
CA GLN A 59 -30.89 27.48 -0.03
C GLN A 59 -31.01 27.03 1.42
N GLY A 60 -29.87 26.65 2.00
CA GLY A 60 -29.85 26.08 3.34
C GLY A 60 -29.77 27.16 4.38
N TYR A 61 -28.74 27.08 5.23
CA TYR A 61 -28.50 28.13 6.20
C TYR A 61 -27.18 28.82 5.92
N VAL A 62 -26.97 29.96 6.58
CA VAL A 62 -25.70 30.68 6.53
C VAL A 62 -25.09 30.61 7.92
N LEU A 63 -23.91 30.02 8.03
CA LEU A 63 -23.22 29.88 9.31
C LEU A 63 -21.86 30.56 9.29
N ILE A 64 -21.78 31.72 9.94
CA ILE A 64 -20.53 32.48 10.03
C ILE A 64 -20.02 32.37 11.45
N ALA A 65 -19.00 31.53 11.65
CA ALA A 65 -18.57 31.17 12.99
C ALA A 65 -17.08 30.93 13.10
N HIS A 66 -16.53 31.23 14.28
CA HIS A 66 -15.12 31.01 14.61
C HIS A 66 -14.12 31.72 13.68
N ASN A 67 -14.40 32.97 13.34
CA ASN A 67 -13.54 33.73 12.46
C ASN A 67 -12.82 34.84 13.19
N GLN A 68 -11.57 35.10 12.79
CA GLN A 68 -10.83 36.25 13.29
C GLN A 68 -10.89 37.40 12.29
N VAL A 69 -11.32 37.09 11.07
CA VAL A 69 -11.49 38.09 10.00
C VAL A 69 -12.50 39.17 10.42
N ARG A 70 -12.26 40.41 9.97
CA ARG A 70 -13.04 41.57 10.41
C ARG A 70 -14.34 41.80 9.64
N GLN A 71 -14.43 41.27 8.43
CA GLN A 71 -15.68 41.26 7.65
C GLN A 71 -15.72 40.21 6.55
N VAL A 72 -16.90 39.67 6.29
CA VAL A 72 -17.12 38.79 5.16
C VAL A 72 -17.95 39.56 4.12
N PRO A 73 -17.44 39.70 2.89
CA PRO A 73 -18.12 40.59 1.93
C PRO A 73 -19.34 39.95 1.26
N LEU A 74 -20.41 39.76 2.01
CA LEU A 74 -21.63 39.13 1.50
C LEU A 74 -22.70 40.15 1.10
N GLN A 75 -22.28 41.28 0.53
CA GLN A 75 -23.22 42.38 0.22
C GLN A 75 -24.33 42.08 -0.79
N ARG A 76 -24.14 41.08 -1.65
CA ARG A 76 -25.13 40.79 -2.67
C ARG A 76 -26.16 39.72 -2.29
N LEU A 77 -25.99 39.11 -1.12
CA LEU A 77 -26.92 38.09 -0.61
C LEU A 77 -28.31 38.68 -0.36
N ARG A 78 -29.31 38.20 -1.10
CA ARG A 78 -30.68 38.72 -1.01
C ARG A 78 -31.61 37.87 -0.16
N ILE A 79 -31.40 36.56 -0.19
CA ILE A 79 -32.36 35.63 0.37
C ILE A 79 -31.67 34.34 0.88
N VAL A 80 -31.96 33.97 2.12
CA VAL A 80 -31.69 32.60 2.57
C VAL A 80 -33.02 31.87 2.71
N ARG A 81 -33.11 30.66 2.17
CA ARG A 81 -34.37 29.92 2.12
C ARG A 81 -34.64 29.05 3.36
N GLY A 82 -33.58 28.55 3.98
CA GLY A 82 -33.70 27.74 5.19
C GLY A 82 -34.30 26.37 4.97
N THR A 83 -34.07 25.80 3.79
CA THR A 83 -34.47 24.42 3.50
C THR A 83 -33.81 23.48 4.49
N GLN A 84 -32.62 23.86 4.94
CA GLN A 84 -31.97 23.23 6.06
C GLN A 84 -31.68 24.29 7.10
N LEU A 85 -31.75 23.90 8.37
CA LEU A 85 -31.53 24.86 9.43
C LEU A 85 -30.38 24.45 10.34
N PHE A 86 -29.62 25.44 10.80
CA PHE A 86 -28.55 25.20 11.76
C PHE A 86 -29.15 24.93 13.13
N GLU A 87 -28.63 23.90 13.81
CA GLU A 87 -29.18 23.44 15.07
C GLU A 87 -30.70 23.21 15.01
N ASP A 88 -31.17 22.91 13.80
CA ASP A 88 -32.58 22.62 13.50
C ASP A 88 -33.52 23.81 13.71
N ASN A 89 -32.97 25.00 13.93
CA ASN A 89 -33.77 26.18 14.23
C ASN A 89 -33.37 27.44 13.49
N TYR A 90 -32.12 27.53 13.09
CA TYR A 90 -31.59 28.82 12.65
C TYR A 90 -31.20 28.86 11.19
N ALA A 91 -31.55 29.96 10.53
CA ALA A 91 -31.28 30.14 9.11
C ALA A 91 -30.02 30.96 8.94
N LEU A 92 -29.75 31.80 9.94
CA LEU A 92 -28.53 32.58 10.00
C LEU A 92 -27.95 32.44 11.40
N ALA A 93 -26.75 31.89 11.46
CA ALA A 93 -26.06 31.72 12.74
C ALA A 93 -24.68 32.34 12.69
N VAL A 94 -24.48 33.35 13.53
CA VAL A 94 -23.22 34.09 13.62
C VAL A 94 -22.66 33.87 15.02
N LEU A 95 -21.69 32.97 15.13
CA LEU A 95 -21.23 32.48 16.43
C LEU A 95 -19.73 32.57 16.65
N ASP A 96 -19.36 32.98 17.86
CA ASP A 96 -17.96 32.95 18.32
C ASP A 96 -16.98 33.53 17.31
N ASN A 97 -17.09 34.81 17.00
CA ASN A 97 -16.13 35.45 16.12
C ASN A 97 -15.25 36.43 16.88
N GLY A 98 -14.03 36.00 17.18
CA GLY A 98 -13.13 36.75 18.05
C GLY A 98 -13.03 36.08 19.40
N ASP A 99 -11.87 36.21 20.04
CA ASP A 99 -11.61 35.56 21.33
C ASP A 99 -12.42 36.13 22.50
N PRO A 100 -12.75 35.27 23.50
CA PRO A 100 -13.45 35.73 24.70
C PRO A 100 -12.59 36.60 25.62
N SER A 111 -6.71 45.91 15.39
CA SER A 111 -5.77 45.12 16.17
C SER A 111 -6.41 43.83 16.76
N PRO A 112 -7.53 43.95 17.48
CA PRO A 112 -8.10 42.70 17.99
C PRO A 112 -8.87 41.97 16.91
N GLY A 113 -8.91 40.65 16.99
CA GLY A 113 -9.60 39.84 15.99
C GLY A 113 -11.11 39.83 16.21
N GLY A 114 -11.83 39.52 15.14
CA GLY A 114 -13.28 39.35 15.21
C GLY A 114 -14.05 40.16 14.21
N LEU A 115 -15.21 39.62 13.83
CA LEU A 115 -16.16 40.25 12.93
C LEU A 115 -16.69 41.54 13.56
N ARG A 116 -16.61 42.63 12.81
CA ARG A 116 -17.00 43.96 13.31
C ARG A 116 -18.41 44.37 12.88
N GLU A 117 -18.75 44.08 11.62
CA GLU A 117 -20.07 44.36 11.05
C GLU A 117 -20.55 43.12 10.30
N LEU A 118 -21.86 42.97 10.18
CA LEU A 118 -22.41 41.89 9.35
C LEU A 118 -22.40 42.21 7.87
N GLN A 119 -22.81 43.42 7.50
CA GLN A 119 -22.81 43.86 6.11
C GLN A 119 -23.58 42.96 5.14
N LEU A 120 -24.75 42.51 5.58
CA LEU A 120 -25.68 41.80 4.72
C LEU A 120 -26.70 42.81 4.19
N ARG A 121 -26.18 43.82 3.47
CA ARG A 121 -26.96 44.98 3.07
C ARG A 121 -28.10 44.66 2.10
N SER A 122 -28.07 43.49 1.47
CA SER A 122 -29.12 43.14 0.53
C SER A 122 -30.09 42.09 1.06
N LEU A 123 -29.77 41.51 2.22
CA LEU A 123 -30.59 40.46 2.79
C LEU A 123 -31.95 40.99 3.19
N THR A 124 -32.97 40.63 2.42
CA THR A 124 -34.32 41.08 2.72
C THR A 124 -35.36 39.95 2.83
N GLU A 125 -34.92 38.69 2.79
CA GLU A 125 -35.82 37.56 2.98
C GLU A 125 -35.16 36.34 3.65
N ILE A 126 -35.62 35.99 4.85
CA ILE A 126 -35.32 34.69 5.43
C ILE A 126 -36.63 33.90 5.51
N LEU A 127 -36.75 32.90 4.64
CA LEU A 127 -38.03 32.23 4.44
C LEU A 127 -38.48 31.33 5.58
N LYS A 128 -37.52 30.76 6.29
CA LYS A 128 -37.76 29.75 7.33
C LYS A 128 -36.70 29.83 8.41
N GLY A 129 -37.10 29.57 9.65
CA GLY A 129 -36.16 29.53 10.76
C GLY A 129 -35.78 30.91 11.25
N GLY A 130 -35.12 30.95 12.40
CA GLY A 130 -34.78 32.23 13.03
C GLY A 130 -33.32 32.61 12.90
N VAL A 131 -32.95 33.64 13.67
CA VAL A 131 -31.58 34.12 13.67
C VAL A 131 -30.95 33.92 15.04
N LEU A 132 -29.71 33.42 15.04
CA LEU A 132 -28.92 33.25 16.26
C LEU A 132 -27.58 33.96 16.11
N ILE A 133 -27.40 35.05 16.87
CA ILE A 133 -26.15 35.79 16.86
C ILE A 133 -25.60 35.85 18.28
N GLN A 134 -24.47 35.17 18.52
CA GLN A 134 -23.91 35.07 19.86
C GLN A 134 -22.39 35.06 19.92
N ARG A 135 -21.88 35.67 20.99
CA ARG A 135 -20.45 35.66 21.33
C ARG A 135 -19.52 36.26 20.27
N ASN A 136 -19.85 37.47 19.82
CA ASN A 136 -19.02 38.19 18.84
C ASN A 136 -18.56 39.52 19.41
N PRO A 137 -17.45 39.52 20.17
CA PRO A 137 -17.01 40.66 20.99
C PRO A 137 -16.80 41.96 20.24
N GLN A 138 -16.62 41.89 18.92
CA GLN A 138 -16.35 43.07 18.09
C GLN A 138 -17.56 43.51 17.24
N LEU A 139 -18.62 42.71 17.25
CA LEU A 139 -19.76 42.93 16.37
C LEU A 139 -20.67 44.08 16.79
N CYS A 140 -20.94 44.96 15.85
CA CYS A 140 -21.82 46.11 16.06
C CYS A 140 -23.01 46.04 15.12
N TYR A 141 -24.09 46.73 15.50
CA TYR A 141 -25.27 46.98 14.64
C TYR A 141 -26.26 45.82 14.48
N GLN A 142 -25.93 44.62 14.94
CA GLN A 142 -26.85 43.50 14.79
C GLN A 142 -28.16 43.75 15.54
N ASP A 143 -28.07 44.44 16.68
CA ASP A 143 -29.25 44.78 17.48
C ASP A 143 -30.07 45.89 16.83
N THR A 144 -29.46 46.58 15.88
CA THR A 144 -30.05 47.69 15.13
C THR A 144 -31.13 47.22 14.13
N ILE A 145 -30.80 46.15 13.41
CA ILE A 145 -31.67 45.57 12.39
C ILE A 145 -33.07 45.22 12.91
N LEU A 146 -34.09 45.60 12.15
CA LEU A 146 -35.46 45.15 12.38
C LEU A 146 -35.61 43.80 11.71
N TRP A 147 -35.33 42.74 12.46
CA TRP A 147 -35.34 41.37 11.92
C TRP A 147 -36.70 40.93 11.42
N LYS A 148 -37.75 41.42 12.09
CA LYS A 148 -39.11 41.13 11.68
C LYS A 148 -39.32 41.33 10.18
N ASP A 149 -38.72 42.39 9.62
CA ASP A 149 -38.92 42.69 8.20
C ASP A 149 -38.34 41.58 7.33
N ILE A 150 -37.13 41.16 7.65
CA ILE A 150 -36.45 40.13 6.88
C ILE A 150 -37.20 38.80 6.92
N PHE A 151 -37.73 38.44 8.09
CA PHE A 151 -38.49 37.20 8.23
C PHE A 151 -39.71 37.18 7.33
N HIS A 152 -40.09 35.98 6.92
CA HIS A 152 -41.23 35.78 6.04
C HIS A 152 -42.52 35.75 6.85
N LYS A 153 -42.47 35.12 8.02
CA LYS A 153 -43.59 35.06 8.96
C LYS A 153 -43.10 35.61 10.28
N ASN A 154 -44.02 36.16 11.07
CA ASN A 154 -43.67 36.78 12.34
C ASN A 154 -43.24 35.82 13.43
N ASN A 155 -43.72 34.58 13.36
CA ASN A 155 -43.40 33.62 14.39
C ASN A 155 -41.94 33.23 14.36
N GLN A 156 -41.26 33.54 13.25
CA GLN A 156 -39.82 33.38 13.17
C GLN A 156 -39.07 34.28 14.18
N LEU A 157 -39.75 35.30 14.68
CA LEU A 157 -39.20 36.15 15.73
C LEU A 157 -39.02 35.38 17.03
N ALA A 158 -39.92 34.43 17.27
CA ALA A 158 -39.91 33.64 18.49
C ALA A 158 -38.71 32.68 18.54
N LEU A 159 -38.03 32.50 17.41
CA LEU A 159 -36.86 31.66 17.30
C LEU A 159 -35.61 32.52 17.11
N THR A 160 -35.57 33.68 17.74
CA THR A 160 -34.43 34.57 17.53
C THR A 160 -33.75 34.93 18.85
N LEU A 161 -32.44 34.74 18.89
CA LEU A 161 -31.61 35.15 20.03
C LEU A 161 -30.44 35.97 19.53
N ILE A 162 -30.39 37.24 19.94
CA ILE A 162 -29.33 38.14 19.51
C ILE A 162 -28.56 38.76 20.68
N ASP A 163 -27.40 38.17 20.98
CA ASP A 163 -26.48 38.64 22.00
C ASP A 163 -25.89 39.99 21.58
N THR A 164 -25.77 40.90 22.54
CA THR A 164 -25.20 42.22 22.29
C THR A 164 -24.04 42.56 23.22
N ASN A 165 -23.65 41.61 24.08
CA ASN A 165 -22.37 41.72 24.80
C ASN A 165 -21.33 42.13 23.78
N ARG A 166 -20.49 43.09 24.15
CA ARG A 166 -19.59 43.71 23.18
C ARG A 166 -18.40 44.32 23.89
N SER A 167 -17.24 44.24 23.25
CA SER A 167 -16.01 44.80 23.82
C SER A 167 -15.65 46.19 23.31
N ARG A 168 -16.42 46.72 22.36
CA ARG A 168 -16.16 48.07 21.84
C ARG A 168 -17.41 48.94 21.70
N ALA A 169 -17.22 50.25 21.77
CA ALA A 169 -18.29 51.21 21.46
C ALA A 169 -18.51 51.24 19.95
N CYS A 170 -19.76 51.37 19.54
CA CYS A 170 -20.07 51.42 18.12
C CYS A 170 -20.30 52.85 17.65
N HIS A 171 -19.94 53.12 16.40
CA HIS A 171 -20.23 54.40 15.78
C HIS A 171 -21.72 54.41 15.41
N PRO A 172 -22.32 55.61 15.25
CA PRO A 172 -23.72 55.63 14.81
C PRO A 172 -23.84 55.19 13.35
N CYS A 173 -25.05 54.82 12.92
CA CYS A 173 -25.28 54.56 11.50
C CYS A 173 -25.03 55.85 10.74
N SER A 174 -24.66 55.73 9.46
CA SER A 174 -24.42 56.90 8.63
C SER A 174 -25.53 57.93 8.79
N PRO A 175 -25.17 59.22 8.89
CA PRO A 175 -26.21 60.25 8.99
C PRO A 175 -27.29 60.09 7.92
N MET A 176 -26.92 59.49 6.79
CA MET A 176 -27.84 59.29 5.66
C MET A 176 -28.78 58.10 5.84
N CYS A 177 -28.78 57.49 7.02
CA CYS A 177 -29.64 56.35 7.28
C CYS A 177 -31.03 56.73 7.71
N LYS A 178 -32.00 56.15 7.01
CA LYS A 178 -33.43 56.29 7.28
C LYS A 178 -33.75 56.58 8.75
N GLY A 179 -33.82 55.52 9.55
CA GLY A 179 -34.14 55.63 10.97
C GLY A 179 -33.28 54.75 11.85
N SER A 180 -31.97 54.99 11.80
CA SER A 180 -31.00 54.31 12.68
C SER A 180 -30.91 52.79 12.56
N ARG A 181 -31.25 52.24 11.40
CA ARG A 181 -31.09 50.81 11.15
C ARG A 181 -30.11 50.54 10.01
N CYS A 182 -28.97 49.93 10.34
CA CYS A 182 -27.94 49.66 9.35
C CYS A 182 -27.18 48.38 9.62
N TRP A 183 -26.44 47.95 8.60
CA TRP A 183 -25.60 46.77 8.65
C TRP A 183 -24.12 47.15 8.79
N GLY A 184 -23.86 48.42 9.08
CA GLY A 184 -22.50 48.93 9.14
C GLY A 184 -22.45 50.44 9.00
N GLU A 185 -21.26 50.99 9.17
CA GLU A 185 -21.08 52.44 9.28
C GLU A 185 -21.37 53.19 7.97
N SER A 186 -21.38 52.47 6.86
CA SER A 186 -21.54 53.04 5.52
C SER A 186 -22.92 53.64 5.26
N SER A 187 -23.02 54.49 4.25
CA SER A 187 -24.29 55.09 3.84
C SER A 187 -25.13 54.08 3.06
N GLU A 188 -24.47 53.22 2.31
CA GLU A 188 -25.16 52.17 1.58
C GLU A 188 -25.36 50.93 2.47
N ASP A 189 -25.08 51.07 3.76
CA ASP A 189 -25.26 49.99 4.72
C ASP A 189 -26.60 50.02 5.46
N CYS A 190 -27.43 51.03 5.18
CA CYS A 190 -28.76 51.13 5.80
C CYS A 190 -29.64 49.93 5.46
N GLN A 191 -30.49 49.54 6.42
CA GLN A 191 -31.45 48.45 6.20
C GLN A 191 -32.58 48.89 5.29
N SER A 192 -32.80 48.13 4.22
CA SER A 192 -33.91 48.39 3.33
C SER A 192 -35.12 47.56 3.77
N LEU A 193 -36.20 48.24 4.17
CA LEU A 193 -37.39 47.55 4.64
C LEU A 193 -38.34 47.26 3.50
N THR A 194 -38.73 46.00 3.35
CA THR A 194 -39.60 45.61 2.23
C THR A 194 -40.90 44.91 2.64
N ARG A 195 -41.17 44.84 3.94
CA ARG A 195 -42.36 44.12 4.43
C ARG A 195 -43.25 44.91 5.37
N THR A 196 -42.65 45.45 6.42
CA THR A 196 -43.40 46.06 7.51
C THR A 196 -43.86 47.46 7.13
N VAL A 197 -43.44 47.87 5.95
CA VAL A 197 -43.54 49.25 5.51
C VAL A 197 -44.54 49.32 4.33
N CYS A 198 -45.36 48.27 4.21
CA CYS A 198 -46.16 48.00 3.01
C CYS A 198 -47.63 48.40 3.13
N ALA A 199 -48.29 48.52 1.98
CA ALA A 199 -49.70 48.86 1.94
C ALA A 199 -50.56 47.61 2.14
N GLY A 200 -51.85 47.81 2.37
CA GLY A 200 -52.88 46.77 2.29
C GLY A 200 -52.46 45.34 2.50
N GLY A 201 -52.68 44.50 1.49
CA GLY A 201 -52.30 43.09 1.55
C GLY A 201 -50.79 42.94 1.55
N CYS A 202 -50.24 42.78 0.35
CA CYS A 202 -48.81 42.88 0.08
C CYS A 202 -47.81 42.26 1.05
N ALA A 203 -47.18 41.17 0.59
CA ALA A 203 -46.11 40.51 1.34
C ALA A 203 -44.78 41.25 1.20
N ARG A 204 -44.51 41.78 0.02
CA ARG A 204 -43.31 42.60 -0.21
C ARG A 204 -43.65 43.79 -1.08
N CYS A 205 -43.11 44.94 -0.74
CA CYS A 205 -43.33 46.15 -1.52
C CYS A 205 -42.04 46.89 -1.74
N LYS A 206 -42.02 47.74 -2.75
CA LYS A 206 -40.87 48.58 -3.03
C LYS A 206 -41.10 49.99 -2.50
N GLY A 207 -42.17 50.15 -1.72
CA GLY A 207 -42.60 51.45 -1.21
C GLY A 207 -43.97 51.35 -0.57
N PRO A 208 -44.46 52.42 0.06
CA PRO A 208 -45.65 52.30 0.89
C PRO A 208 -46.99 52.51 0.16
N LEU A 209 -46.96 52.60 -1.16
CA LEU A 209 -48.19 52.78 -1.92
C LEU A 209 -48.73 51.46 -2.43
N PRO A 210 -50.06 51.35 -2.64
CA PRO A 210 -50.62 50.13 -3.20
C PRO A 210 -49.95 49.74 -4.51
N THR A 211 -49.54 50.75 -5.28
CA THR A 211 -48.92 50.52 -6.58
C THR A 211 -47.45 50.10 -6.45
N ASP A 212 -46.96 49.98 -5.22
CA ASP A 212 -45.59 49.54 -4.98
C ASP A 212 -45.54 48.09 -4.55
N CYS A 213 -46.64 47.36 -4.66
CA CYS A 213 -46.61 45.96 -4.26
C CYS A 213 -45.88 45.11 -5.28
N CYS A 214 -45.15 44.14 -4.76
CA CYS A 214 -44.48 43.17 -5.59
C CYS A 214 -45.46 42.09 -5.96
N HIS A 215 -45.19 41.42 -7.06
CA HIS A 215 -46.01 40.29 -7.48
C HIS A 215 -46.11 39.23 -6.38
N GLU A 216 -47.32 38.66 -6.23
CA GLU A 216 -47.61 37.53 -5.34
C GLU A 216 -46.48 36.50 -5.25
N GLN A 217 -45.65 36.47 -6.29
CA GLN A 217 -44.64 35.43 -6.47
C GLN A 217 -43.20 35.86 -6.25
N CYS A 218 -42.99 37.13 -5.90
CA CYS A 218 -41.66 37.59 -5.51
C CYS A 218 -41.34 37.23 -4.08
N ALA A 219 -40.04 37.27 -3.77
CA ALA A 219 -39.55 37.27 -2.40
C ALA A 219 -38.51 38.38 -2.30
N ALA A 220 -38.16 38.78 -1.09
CA ALA A 220 -37.12 39.79 -0.85
C ALA A 220 -37.47 41.21 -1.33
N GLY A 221 -38.38 41.32 -2.28
CA GLY A 221 -38.71 42.62 -2.86
C GLY A 221 -38.70 42.61 -4.38
N CYS A 222 -38.73 43.81 -4.97
CA CYS A 222 -38.87 43.93 -6.42
C CYS A 222 -38.57 45.33 -6.93
N THR A 223 -38.54 45.47 -8.26
CA THR A 223 -38.30 46.76 -8.90
C THR A 223 -39.57 47.27 -9.58
N GLY A 224 -40.58 46.39 -9.68
CA GLY A 224 -41.86 46.73 -10.29
C GLY A 224 -42.93 45.69 -9.97
N PRO A 225 -44.15 45.90 -10.47
CA PRO A 225 -45.29 45.09 -10.09
C PRO A 225 -45.43 43.74 -10.82
N LYS A 226 -44.75 43.60 -11.97
CA LYS A 226 -44.87 42.40 -12.79
C LYS A 226 -44.09 41.25 -12.18
N HIS A 227 -44.44 40.01 -12.52
CA HIS A 227 -43.75 38.85 -11.95
C HIS A 227 -42.36 38.61 -12.58
N SER A 228 -41.88 39.59 -13.33
CA SER A 228 -40.53 39.57 -13.90
C SER A 228 -39.66 40.64 -13.24
N ASP A 229 -40.25 41.34 -12.29
CA ASP A 229 -39.58 42.44 -11.60
C ASP A 229 -39.08 42.02 -10.22
N CYS A 230 -39.22 40.72 -9.91
CA CYS A 230 -38.83 40.16 -8.62
C CYS A 230 -37.35 40.27 -8.32
N LEU A 231 -37.02 40.54 -7.06
CA LEU A 231 -35.62 40.45 -6.64
C LEU A 231 -35.23 39.01 -6.32
N ALA A 232 -36.23 38.19 -6.01
CA ALA A 232 -36.05 36.76 -5.78
C ALA A 232 -37.37 36.05 -6.00
N CYS A 233 -37.32 34.80 -6.47
CA CYS A 233 -38.54 34.01 -6.65
C CYS A 233 -38.89 33.29 -5.37
N LEU A 234 -40.16 33.39 -4.98
CA LEU A 234 -40.64 32.72 -3.79
C LEU A 234 -40.62 31.21 -3.95
N HIS A 235 -40.91 30.74 -5.16
CA HIS A 235 -40.95 29.31 -5.45
C HIS A 235 -39.99 28.85 -6.55
N PHE A 236 -40.21 29.28 -7.79
CA PHE A 236 -39.41 28.82 -8.93
C PHE A 236 -39.14 29.90 -9.97
N ASN A 237 -37.92 29.90 -10.49
CA ASN A 237 -37.53 30.84 -11.53
C ASN A 237 -37.62 30.22 -12.92
N HIS A 238 -38.60 30.64 -13.69
CA HIS A 238 -38.78 30.13 -15.05
C HIS A 238 -38.25 31.13 -16.07
N SER A 239 -36.94 31.03 -16.37
CA SER A 239 -36.24 31.93 -17.29
C SER A 239 -36.56 33.42 -17.09
N GLY A 240 -36.46 33.90 -15.84
CA GLY A 240 -36.70 35.30 -15.53
C GLY A 240 -38.11 35.67 -15.14
N ILE A 241 -38.98 34.66 -15.01
CA ILE A 241 -40.36 34.83 -14.57
C ILE A 241 -40.62 33.96 -13.35
N CYS A 242 -41.03 34.58 -12.24
CA CYS A 242 -41.31 33.82 -11.03
C CYS A 242 -42.68 33.15 -11.08
N GLU A 243 -42.70 31.84 -10.79
CA GLU A 243 -43.93 31.05 -10.87
C GLU A 243 -44.11 30.15 -9.66
N LEU A 244 -45.35 29.74 -9.41
CA LEU A 244 -45.66 28.81 -8.34
C LEU A 244 -45.24 27.38 -8.68
N HIS A 245 -45.31 27.02 -9.96
CA HIS A 245 -45.01 25.65 -10.40
C HIS A 245 -44.10 25.59 -11.61
N CYS A 246 -43.39 24.47 -11.75
CA CYS A 246 -42.75 24.11 -13.01
C CYS A 246 -43.82 23.54 -13.96
N PRO A 247 -43.88 24.06 -15.19
CA PRO A 247 -44.84 23.61 -16.21
C PRO A 247 -44.80 22.10 -16.49
N ASN A 253 -51.03 18.55 -18.14
CA ASN A 253 -52.42 18.40 -18.60
C ASN A 253 -53.05 19.72 -19.06
N THR A 254 -53.21 19.87 -20.37
CA THR A 254 -53.75 21.10 -20.97
C THR A 254 -55.28 21.08 -21.10
N ASP A 255 -55.88 22.24 -20.93
CA ASP A 255 -57.33 22.40 -20.93
C ASP A 255 -57.82 23.14 -22.18
N THR A 256 -56.97 24.03 -22.70
CA THR A 256 -57.31 24.92 -23.81
C THR A 256 -56.75 24.47 -25.16
N PHE A 257 -57.47 24.82 -26.24
CA PHE A 257 -57.15 24.38 -27.60
C PHE A 257 -56.19 25.34 -28.32
N GLU A 258 -54.94 25.43 -27.85
CA GLU A 258 -53.95 26.35 -28.44
C GLU A 258 -52.49 26.06 -28.02
N SER A 259 -51.56 26.89 -28.50
CA SER A 259 -50.14 26.83 -28.11
C SER A 259 -49.48 28.21 -28.07
N MET A 260 -48.81 28.51 -26.95
CA MET A 260 -48.14 29.79 -26.72
C MET A 260 -46.61 29.61 -26.55
N PRO A 261 -45.83 30.73 -26.60
CA PRO A 261 -44.38 30.70 -26.33
C PRO A 261 -43.99 30.20 -24.92
N ASN A 262 -42.72 30.39 -24.56
CA ASN A 262 -42.11 29.83 -23.34
C ASN A 262 -42.04 28.30 -23.37
N PRO A 263 -40.84 27.76 -23.71
CA PRO A 263 -40.61 26.36 -24.10
C PRO A 263 -41.29 25.29 -23.25
N GLU A 264 -42.09 24.45 -23.93
CA GLU A 264 -42.68 23.20 -23.43
C GLU A 264 -42.80 23.04 -21.90
N GLY A 265 -42.18 21.99 -21.37
CA GLY A 265 -42.15 21.69 -19.94
C GLY A 265 -40.71 21.61 -19.43
N ARG A 266 -40.54 21.86 -18.13
CA ARG A 266 -39.21 21.93 -17.53
C ARG A 266 -39.03 20.92 -16.40
N TYR A 267 -37.77 20.70 -16.01
CA TYR A 267 -37.44 19.95 -14.80
C TYR A 267 -37.19 20.92 -13.64
N THR A 268 -37.72 20.59 -12.46
CA THR A 268 -37.46 21.39 -11.27
C THR A 268 -36.12 21.04 -10.64
N PHE A 269 -35.18 21.98 -10.74
CA PHE A 269 -33.84 21.85 -10.19
C PHE A 269 -33.55 23.02 -9.27
N GLY A 270 -33.30 22.72 -8.00
CA GLY A 270 -33.23 23.77 -6.97
C GLY A 270 -34.52 24.57 -7.04
N ALA A 271 -34.40 25.88 -6.93
CA ALA A 271 -35.57 26.74 -7.03
C ALA A 271 -35.70 27.39 -8.40
N SER A 272 -35.38 26.64 -9.45
CA SER A 272 -35.63 27.08 -10.82
C SER A 272 -36.11 25.95 -11.72
N CYS A 273 -36.89 26.31 -12.74
CA CYS A 273 -37.27 25.39 -13.80
C CYS A 273 -36.22 25.44 -14.90
N VAL A 274 -35.65 24.28 -15.23
CA VAL A 274 -34.62 24.19 -16.28
C VAL A 274 -34.98 23.16 -17.36
N THR A 275 -34.45 23.36 -18.57
CA THR A 275 -34.74 22.48 -19.72
C THR A 275 -34.31 21.03 -19.46
N ALA A 276 -33.04 20.85 -19.12
CA ALA A 276 -32.48 19.54 -18.80
C ALA A 276 -31.69 19.61 -17.51
N CYS A 277 -31.65 18.49 -16.79
CA CYS A 277 -30.92 18.41 -15.54
C CYS A 277 -29.42 18.67 -15.76
N PRO A 278 -28.76 19.30 -14.77
CA PRO A 278 -27.32 19.56 -14.86
C PRO A 278 -26.49 18.28 -14.85
N TYR A 279 -25.19 18.41 -15.15
CA TYR A 279 -24.33 17.27 -15.48
C TYR A 279 -24.49 15.97 -14.68
N ASN A 280 -24.41 16.05 -13.35
CA ASN A 280 -24.29 14.84 -12.54
C ASN A 280 -25.59 14.43 -11.84
N TYR A 281 -26.70 15.05 -12.24
CA TYR A 281 -28.00 14.81 -11.60
C TYR A 281 -28.81 13.73 -12.31
N LEU A 282 -30.02 13.47 -11.80
CA LEU A 282 -30.88 12.43 -12.32
C LEU A 282 -32.30 12.94 -12.53
N SER A 283 -32.81 12.81 -13.75
CA SER A 283 -34.16 13.22 -14.06
C SER A 283 -35.18 12.19 -13.59
N THR A 284 -36.31 12.66 -13.08
CA THR A 284 -37.36 11.78 -12.56
C THR A 284 -38.61 11.83 -13.45
N ASP A 285 -39.42 10.77 -13.38
CA ASP A 285 -40.73 10.74 -14.04
C ASP A 285 -41.64 11.84 -13.51
N VAL A 286 -41.48 12.16 -12.22
CA VAL A 286 -42.22 13.23 -11.57
C VAL A 286 -41.78 14.63 -12.06
N GLY A 287 -40.67 14.66 -12.82
CA GLY A 287 -40.21 15.88 -13.47
C GLY A 287 -39.30 16.75 -12.63
N SER A 288 -38.29 16.15 -12.01
CA SER A 288 -37.36 16.86 -11.14
C SER A 288 -35.93 16.31 -11.27
N CYS A 289 -34.95 17.10 -10.87
CA CYS A 289 -33.56 16.66 -10.81
C CYS A 289 -33.21 16.24 -9.40
N THR A 290 -32.37 15.21 -9.28
CA THR A 290 -32.03 14.61 -7.99
C THR A 290 -30.68 13.91 -8.00
N LEU A 291 -30.12 13.71 -6.82
CA LEU A 291 -28.85 12.99 -6.67
C LEU A 291 -29.07 11.58 -6.10
N VAL A 292 -30.35 11.21 -5.91
CA VAL A 292 -30.76 9.93 -5.36
C VAL A 292 -32.14 9.55 -5.91
N CYS A 293 -32.30 8.30 -6.36
CA CYS A 293 -33.61 7.80 -6.84
C CYS A 293 -34.50 7.32 -5.68
N PRO A 294 -35.84 7.42 -5.85
CA PRO A 294 -36.79 6.78 -4.91
C PRO A 294 -36.75 5.24 -4.91
N LEU A 295 -37.60 4.62 -4.08
CA LEU A 295 -37.76 3.16 -4.06
C LEU A 295 -38.54 2.69 -5.30
N HIS A 296 -38.44 1.40 -5.61
CA HIS A 296 -39.01 0.80 -6.84
C HIS A 296 -38.33 1.33 -8.10
N ASN A 297 -37.17 1.97 -7.92
CA ASN A 297 -36.48 2.67 -9.01
C ASN A 297 -35.02 2.26 -9.23
N GLN A 298 -34.67 2.10 -10.50
CA GLN A 298 -33.29 1.82 -10.92
C GLN A 298 -32.59 3.12 -11.30
N GLU A 299 -31.84 3.07 -12.40
CA GLU A 299 -31.01 4.19 -12.83
C GLU A 299 -30.38 3.81 -14.18
N VAL A 300 -31.03 4.20 -15.28
CA VAL A 300 -30.54 3.82 -16.61
C VAL A 300 -29.70 4.90 -17.27
N THR A 301 -28.60 4.48 -17.88
CA THR A 301 -27.70 5.38 -18.61
C THR A 301 -28.11 5.40 -20.08
N ALA A 302 -28.48 6.58 -20.58
CA ALA A 302 -28.76 6.77 -21.99
C ALA A 302 -27.45 6.75 -22.79
N GLU A 303 -27.55 6.58 -24.10
CA GLU A 303 -26.37 6.57 -24.99
C GLU A 303 -25.54 7.86 -24.92
N ASP A 304 -26.17 8.94 -24.44
CA ASP A 304 -25.51 10.23 -24.21
C ASP A 304 -24.61 10.20 -22.98
N GLY A 305 -24.98 9.36 -22.01
CA GLY A 305 -24.36 9.37 -20.69
C GLY A 305 -25.31 9.96 -19.67
N THR A 306 -26.49 10.35 -20.14
CA THR A 306 -27.55 10.92 -19.31
C THR A 306 -28.19 9.85 -18.41
N GLN A 307 -28.41 10.22 -17.15
CA GLN A 307 -28.96 9.31 -16.15
C GLN A 307 -30.43 9.66 -15.88
N ARG A 308 -31.24 8.64 -15.58
CA ARG A 308 -32.66 8.82 -15.33
C ARG A 308 -33.20 7.76 -14.36
N CYS A 309 -33.90 8.21 -13.31
CA CYS A 309 -34.63 7.32 -12.42
C CYS A 309 -35.89 6.80 -13.12
N GLU A 310 -36.14 5.49 -13.03
CA GLU A 310 -37.36 4.90 -13.59
C GLU A 310 -37.78 3.63 -12.87
N LYS A 311 -39.09 3.43 -12.78
CA LYS A 311 -39.68 2.30 -12.07
C LYS A 311 -39.18 0.95 -12.61
N CYS A 312 -39.01 -0.01 -11.69
CA CYS A 312 -38.59 -1.35 -12.06
C CYS A 312 -39.74 -2.13 -12.70
N SER A 313 -39.51 -2.66 -13.90
CA SER A 313 -40.50 -3.45 -14.62
C SER A 313 -40.70 -4.82 -13.97
N LYS A 314 -39.58 -5.48 -13.65
CA LYS A 314 -39.55 -6.68 -12.81
C LYS A 314 -39.33 -6.22 -11.36
N PRO A 315 -39.21 -7.17 -10.40
CA PRO A 315 -38.70 -6.72 -9.10
C PRO A 315 -37.24 -6.25 -9.23
N CYS A 316 -36.93 -5.10 -8.62
CA CYS A 316 -35.59 -4.50 -8.73
C CYS A 316 -34.51 -5.48 -8.33
N ALA A 317 -33.45 -5.56 -9.14
CA ALA A 317 -32.34 -6.50 -8.90
C ALA A 317 -31.46 -6.07 -7.73
N ARG A 318 -30.54 -6.93 -7.34
CA ARG A 318 -29.61 -6.68 -6.23
C ARG A 318 -28.85 -5.37 -6.42
N VAL A 319 -28.62 -4.65 -5.32
CA VAL A 319 -27.91 -3.38 -5.37
C VAL A 319 -26.98 -3.23 -4.17
N CYS A 320 -25.71 -2.93 -4.44
CA CYS A 320 -24.71 -2.67 -3.43
C CYS A 320 -24.82 -1.27 -2.85
N TYR A 321 -25.30 -1.15 -1.62
CA TYR A 321 -25.36 0.14 -0.97
C TYR A 321 -24.10 0.40 -0.16
N GLY A 322 -23.49 1.57 -0.38
CA GLY A 322 -22.36 2.00 0.44
C GLY A 322 -22.81 2.75 1.67
N LEU A 323 -21.88 3.49 2.27
CA LEU A 323 -22.17 4.28 3.46
C LEU A 323 -23.09 5.44 3.12
N GLY A 324 -23.91 5.83 4.10
CA GLY A 324 -24.88 6.91 3.92
C GLY A 324 -26.07 6.51 3.07
N MET A 325 -26.39 5.23 3.07
CA MET A 325 -27.43 4.68 2.21
C MET A 325 -27.96 3.39 2.81
N GLU A 326 -29.29 3.22 2.76
CA GLU A 326 -29.95 2.01 3.27
C GLU A 326 -29.49 1.69 4.70
N HIS A 327 -29.07 0.45 4.95
CA HIS A 327 -28.75 -0.02 6.29
C HIS A 327 -27.46 0.57 6.85
N LEU A 328 -26.69 1.23 5.98
CA LEU A 328 -25.43 1.81 6.36
C LEU A 328 -25.50 3.35 6.40
N ARG A 329 -26.69 3.88 6.60
CA ARG A 329 -26.89 5.34 6.56
C ARG A 329 -26.32 6.06 7.78
N GLU A 330 -26.20 5.33 8.88
CA GLU A 330 -25.63 5.88 10.12
C GLU A 330 -24.17 5.49 10.26
N VAL A 331 -23.80 4.36 9.64
CA VAL A 331 -22.45 3.81 9.75
C VAL A 331 -21.42 4.75 9.11
N ARG A 332 -20.39 5.07 9.88
CA ARG A 332 -19.44 6.14 9.54
C ARG A 332 -18.18 5.65 8.83
N ALA A 333 -17.93 4.34 8.84
CA ALA A 333 -16.73 3.77 8.22
C ALA A 333 -16.87 2.29 7.84
N VAL A 334 -16.07 1.88 6.86
CA VAL A 334 -15.94 0.46 6.48
C VAL A 334 -15.18 -0.27 7.56
N THR A 335 -15.83 -1.24 8.19
CA THR A 335 -15.18 -2.05 9.23
C THR A 335 -15.24 -3.52 8.83
N SER A 336 -14.73 -4.38 9.70
CA SER A 336 -14.79 -5.82 9.46
C SER A 336 -16.21 -6.38 9.64
N ALA A 337 -17.09 -5.55 10.19
CA ALA A 337 -18.50 -5.93 10.37
C ALA A 337 -19.29 -5.87 9.08
N ASN A 338 -18.91 -4.94 8.19
CA ASN A 338 -19.65 -4.74 6.95
C ASN A 338 -18.84 -4.87 5.67
N ILE A 339 -17.59 -5.30 5.79
CA ILE A 339 -16.68 -5.41 4.64
C ILE A 339 -17.17 -6.43 3.62
N GLN A 340 -17.80 -7.50 4.10
CA GLN A 340 -18.26 -8.58 3.25
C GLN A 340 -19.46 -8.20 2.40
N GLU A 341 -20.11 -7.09 2.77
CA GLU A 341 -21.28 -6.60 2.05
C GLU A 341 -20.92 -6.12 0.65
N PHE A 342 -19.64 -5.87 0.42
CA PHE A 342 -19.20 -5.30 -0.84
C PHE A 342 -18.59 -6.34 -1.78
N ALA A 343 -18.71 -7.60 -1.40
CA ALA A 343 -18.18 -8.71 -2.19
C ALA A 343 -18.79 -8.75 -3.58
N GLY A 344 -17.94 -8.61 -4.60
CA GLY A 344 -18.36 -8.73 -5.99
C GLY A 344 -19.10 -7.53 -6.55
N CYS A 345 -19.16 -6.45 -5.77
CA CYS A 345 -19.80 -5.21 -6.21
C CYS A 345 -19.00 -4.54 -7.31
N LYS A 346 -19.65 -4.30 -8.44
CA LYS A 346 -19.06 -3.55 -9.52
C LYS A 346 -19.38 -2.06 -9.39
N LYS A 347 -20.50 -1.76 -8.71
CA LYS A 347 -20.99 -0.39 -8.55
C LYS A 347 -21.68 -0.22 -7.21
N ILE A 348 -21.09 0.62 -6.36
CA ILE A 348 -21.64 0.93 -5.04
C ILE A 348 -22.51 2.18 -5.10
N PHE A 349 -23.68 2.10 -4.47
CA PHE A 349 -24.58 3.23 -4.32
C PHE A 349 -24.46 3.80 -2.91
N GLY A 350 -23.56 4.77 -2.77
CA GLY A 350 -23.20 5.37 -1.50
C GLY A 350 -21.72 5.68 -1.52
N SER A 351 -21.11 5.80 -0.34
CA SER A 351 -19.71 6.20 -0.22
C SER A 351 -18.85 5.13 0.45
N LEU A 352 -17.54 5.27 0.36
CA LEU A 352 -16.60 4.44 1.12
C LEU A 352 -15.72 5.30 2.00
N ALA A 353 -15.62 4.95 3.27
CA ALA A 353 -14.77 5.66 4.20
C ALA A 353 -13.90 4.68 5.01
N PHE A 354 -12.59 4.90 4.99
CA PHE A 354 -11.67 4.11 5.79
C PHE A 354 -10.99 5.00 6.81
N LEU A 355 -11.27 4.73 8.08
CA LEU A 355 -10.80 5.56 9.18
C LEU A 355 -9.84 4.78 10.06
N PRO A 356 -9.03 5.47 10.89
CA PRO A 356 -8.22 4.78 11.88
C PRO A 356 -8.97 3.65 12.58
N GLU A 357 -10.22 3.89 12.94
CA GLU A 357 -11.05 2.89 13.63
C GLU A 357 -11.35 1.65 12.79
N SER A 358 -11.14 1.74 11.48
CA SER A 358 -11.32 0.60 10.58
C SER A 358 -10.28 -0.48 10.84
N PHE A 359 -9.02 -0.08 10.93
CA PHE A 359 -7.91 -1.02 11.01
C PHE A 359 -7.40 -1.24 12.42
N ASP A 360 -7.71 -0.30 13.32
CA ASP A 360 -7.41 -0.46 14.74
C ASP A 360 -8.47 -1.37 15.34
N GLY A 361 -9.72 -1.17 14.90
CA GLY A 361 -10.85 -1.95 15.38
C GLY A 361 -11.30 -1.49 16.74
N ASP A 362 -12.56 -1.07 16.83
CA ASP A 362 -13.17 -0.67 18.10
C ASP A 362 -13.25 -1.86 19.06
N PRO A 363 -12.55 -1.77 20.22
CA PRO A 363 -12.58 -2.86 21.19
C PRO A 363 -13.80 -2.86 22.12
N ALA A 364 -14.62 -1.80 22.03
CA ALA A 364 -15.85 -1.71 22.80
C ALA A 364 -16.90 -2.69 22.27
N SER A 365 -17.24 -2.57 20.99
CA SER A 365 -18.02 -3.58 20.29
C SER A 365 -17.09 -4.75 19.95
N ASN A 366 -17.63 -5.97 19.92
CA ASN A 366 -16.85 -7.12 19.47
C ASN A 366 -16.64 -7.11 17.95
N THR A 367 -15.84 -6.14 17.50
CA THR A 367 -15.54 -5.92 16.09
C THR A 367 -14.02 -5.94 15.88
N ALA A 368 -13.54 -7.03 15.29
CA ALA A 368 -12.10 -7.23 15.05
C ALA A 368 -11.53 -6.17 14.13
N PRO A 369 -10.25 -5.80 14.32
CA PRO A 369 -9.62 -4.90 13.37
C PRO A 369 -9.60 -5.52 11.98
N LEU A 370 -9.99 -4.73 10.98
CA LEU A 370 -10.02 -5.16 9.58
C LEU A 370 -8.60 -5.45 9.09
N GLN A 371 -8.42 -6.64 8.50
CA GLN A 371 -7.13 -7.08 7.97
C GLN A 371 -6.92 -6.61 6.53
N PRO A 372 -5.66 -6.41 6.11
CA PRO A 372 -5.40 -5.82 4.79
C PRO A 372 -5.96 -6.62 3.63
N GLU A 373 -5.78 -7.94 3.65
CA GLU A 373 -6.23 -8.79 2.54
C GLU A 373 -7.75 -8.87 2.40
N GLN A 374 -8.47 -8.32 3.37
CA GLN A 374 -9.93 -8.25 3.30
C GLN A 374 -10.38 -7.17 2.32
N LEU A 375 -9.48 -6.24 2.00
CA LEU A 375 -9.78 -5.16 1.06
C LEU A 375 -9.89 -5.66 -0.38
N GLN A 376 -9.57 -6.95 -0.56
CA GLN A 376 -9.75 -7.65 -1.84
C GLN A 376 -11.16 -7.51 -2.42
N VAL A 377 -12.15 -7.37 -1.55
CA VAL A 377 -13.56 -7.29 -1.96
C VAL A 377 -13.78 -6.20 -3.01
N PHE A 378 -12.96 -5.14 -2.92
CA PHE A 378 -13.13 -3.97 -3.78
C PHE A 378 -12.45 -4.10 -5.13
N GLU A 379 -11.84 -5.24 -5.39
CA GLU A 379 -11.13 -5.48 -6.65
C GLU A 379 -12.04 -5.39 -7.87
N THR A 380 -13.29 -5.80 -7.73
CA THR A 380 -14.27 -5.74 -8.83
C THR A 380 -14.83 -4.34 -9.06
N LEU A 381 -14.72 -3.48 -8.04
CA LEU A 381 -15.38 -2.17 -8.02
C LEU A 381 -14.97 -1.25 -9.18
N GLU A 382 -15.98 -0.72 -9.87
CA GLU A 382 -15.78 0.18 -11.02
C GLU A 382 -16.36 1.59 -10.79
N GLU A 383 -17.40 1.69 -9.97
CA GLU A 383 -18.12 2.96 -9.78
C GLU A 383 -18.53 3.20 -8.33
N ILE A 384 -18.34 4.44 -7.88
CA ILE A 384 -18.88 4.89 -6.61
C ILE A 384 -19.73 6.13 -6.88
N THR A 385 -20.98 6.08 -6.43
CA THR A 385 -21.89 7.22 -6.59
C THR A 385 -21.57 8.31 -5.58
N GLY A 386 -21.21 7.90 -4.36
CA GLY A 386 -20.85 8.85 -3.31
C GLY A 386 -19.40 9.30 -3.39
N TYR A 387 -18.68 9.16 -2.29
CA TYR A 387 -17.30 9.62 -2.21
C TYR A 387 -16.36 8.53 -1.69
N LEU A 388 -15.07 8.68 -1.97
CA LEU A 388 -14.06 7.79 -1.39
C LEU A 388 -13.25 8.60 -0.40
N TYR A 389 -13.14 8.11 0.82
CA TYR A 389 -12.41 8.80 1.88
C TYR A 389 -11.45 7.82 2.56
N ILE A 390 -10.17 8.14 2.55
CA ILE A 390 -9.16 7.28 3.17
C ILE A 390 -8.24 8.07 4.10
N SER A 391 -8.47 7.93 5.41
CA SER A 391 -7.67 8.62 6.42
C SER A 391 -6.76 7.65 7.18
N ALA A 392 -6.87 6.37 6.82
CA ALA A 392 -6.02 5.31 7.38
C ALA A 392 -5.98 4.17 6.37
N TRP A 393 -4.87 3.46 6.31
CA TRP A 393 -4.66 2.40 5.35
C TRP A 393 -3.61 1.48 5.95
N PRO A 394 -3.65 0.18 5.61
CA PRO A 394 -2.69 -0.75 6.22
C PRO A 394 -1.26 -0.43 5.80
N ASP A 395 -0.34 -0.47 6.77
CA ASP A 395 1.08 -0.17 6.52
C ASP A 395 1.76 -1.16 5.56
N SER A 396 1.12 -2.30 5.31
CA SER A 396 1.63 -3.32 4.39
C SER A 396 1.49 -2.89 2.96
N LEU A 397 0.41 -2.16 2.68
CA LEU A 397 0.03 -1.86 1.30
C LEU A 397 0.70 -0.59 0.82
N PRO A 398 1.51 -0.68 -0.25
CA PRO A 398 2.26 0.47 -0.76
C PRO A 398 1.39 1.46 -1.53
N ASP A 399 0.22 1.00 -1.99
CA ASP A 399 -0.64 1.83 -2.83
C ASP A 399 -2.11 1.51 -2.63
N LEU A 400 -2.94 2.09 -3.49
CA LEU A 400 -4.38 1.89 -3.47
C LEU A 400 -4.80 0.95 -4.59
N SER A 401 -3.97 -0.05 -4.86
CA SER A 401 -4.23 -0.96 -5.98
C SER A 401 -5.50 -1.80 -5.83
N VAL A 402 -6.08 -1.86 -4.62
CA VAL A 402 -7.33 -2.60 -4.48
C VAL A 402 -8.44 -1.87 -5.22
N PHE A 403 -8.25 -0.58 -5.43
CA PHE A 403 -9.17 0.24 -6.22
C PHE A 403 -8.65 0.42 -7.65
N GLN A 404 -7.86 -0.54 -8.08
CA GLN A 404 -7.30 -0.67 -9.43
C GLN A 404 -8.30 -0.42 -10.56
N ASN A 405 -9.55 -0.84 -10.39
CA ASN A 405 -10.53 -0.83 -11.48
C ASN A 405 -11.62 0.24 -11.39
N LEU A 406 -11.57 1.01 -10.31
CA LEU A 406 -12.46 2.13 -10.10
C LEU A 406 -12.30 3.13 -11.23
N GLN A 407 -13.39 3.37 -11.96
CA GLN A 407 -13.39 4.25 -13.13
C GLN A 407 -13.94 5.62 -12.83
N VAL A 408 -15.06 5.66 -12.11
CA VAL A 408 -15.72 6.91 -11.77
C VAL A 408 -16.03 7.02 -10.28
N ILE A 409 -15.86 8.23 -9.75
CA ILE A 409 -16.40 8.59 -8.46
C ILE A 409 -17.32 9.77 -8.73
N ARG A 410 -18.63 9.52 -8.71
CA ARG A 410 -19.62 10.52 -9.11
C ARG A 410 -19.61 11.73 -8.19
N GLY A 411 -19.41 11.48 -6.90
CA GLY A 411 -19.44 12.54 -5.90
C GLY A 411 -20.82 13.11 -5.64
N ARG A 412 -21.88 12.35 -5.95
CA ARG A 412 -23.27 12.75 -5.68
C ARG A 412 -23.50 12.99 -4.19
N ILE A 413 -22.66 12.36 -3.38
CA ILE A 413 -22.54 12.65 -1.96
C ILE A 413 -21.07 13.01 -1.72
N LEU A 414 -20.83 14.16 -1.11
CA LEU A 414 -19.48 14.64 -0.89
C LEU A 414 -19.12 14.59 0.59
N HIS A 415 -17.95 14.04 0.90
CA HIS A 415 -17.47 14.02 2.27
C HIS A 415 -17.28 15.44 2.78
N ASN A 416 -17.79 15.70 3.98
CA ASN A 416 -17.82 17.05 4.56
C ASN A 416 -18.50 18.08 3.66
N GLY A 417 -19.22 17.57 2.66
CA GLY A 417 -20.02 18.39 1.75
C GLY A 417 -19.21 19.02 0.63
N ALA A 418 -17.96 18.60 0.50
CA ALA A 418 -17.01 19.29 -0.38
C ALA A 418 -16.11 18.38 -1.20
N TYR A 419 -15.68 17.25 -0.63
CA TYR A 419 -14.67 16.41 -1.27
C TYR A 419 -15.21 15.05 -1.70
N SER A 420 -14.93 14.68 -2.94
CA SER A 420 -15.32 13.37 -3.47
C SER A 420 -14.19 12.36 -3.34
N LEU A 421 -12.97 12.86 -3.20
CA LEU A 421 -11.79 12.03 -3.00
C LEU A 421 -10.85 12.67 -1.98
N THR A 422 -10.69 12.01 -0.84
CA THR A 422 -9.77 12.50 0.20
C THR A 422 -8.79 11.41 0.58
N LEU A 423 -7.50 11.75 0.47
CA LEU A 423 -6.43 10.88 0.93
C LEU A 423 -5.55 11.68 1.86
N GLN A 424 -5.57 11.31 3.14
CA GLN A 424 -4.77 12.02 4.15
C GLN A 424 -4.12 11.08 5.14
N GLY A 425 -2.91 11.44 5.57
CA GLY A 425 -2.17 10.74 6.62
C GLY A 425 -1.92 9.27 6.33
N LEU A 426 -1.57 8.94 5.09
CA LEU A 426 -1.51 7.55 4.67
C LEU A 426 -0.16 6.87 4.67
N GLY A 427 0.86 7.51 4.09
CA GLY A 427 2.15 6.85 3.94
C GLY A 427 2.14 5.67 2.96
N ILE A 428 1.28 5.75 1.95
CA ILE A 428 1.46 5.00 0.71
C ILE A 428 2.55 5.70 -0.09
N SER A 429 3.24 4.98 -0.98
CA SER A 429 4.30 5.59 -1.80
C SER A 429 3.80 6.04 -3.17
N TRP A 430 2.79 5.36 -3.69
CA TRP A 430 2.18 5.77 -4.95
C TRP A 430 0.68 5.50 -4.91
N LEU A 431 -0.04 5.97 -5.93
CA LEU A 431 -1.50 5.87 -5.91
C LEU A 431 -2.03 4.55 -6.48
N GLY A 432 -1.75 4.29 -7.75
CA GLY A 432 -2.16 3.04 -8.38
C GLY A 432 -3.62 2.94 -8.77
N LEU A 433 -4.35 4.06 -8.68
CA LEU A 433 -5.74 4.12 -9.14
C LEU A 433 -5.82 4.22 -10.67
N ARG A 434 -5.26 3.22 -11.35
CA ARG A 434 -4.96 3.29 -12.77
C ARG A 434 -6.13 3.17 -13.75
N SER A 435 -7.35 3.00 -13.25
CA SER A 435 -8.52 2.99 -14.12
C SER A 435 -9.39 4.24 -13.94
N LEU A 436 -9.00 5.09 -12.99
CA LEU A 436 -9.79 6.27 -12.63
C LEU A 436 -9.77 7.34 -13.70
N ARG A 437 -10.91 7.54 -14.36
CA ARG A 437 -10.97 8.49 -15.47
C ARG A 437 -11.90 9.66 -15.20
N GLU A 438 -12.71 9.58 -14.14
CA GLU A 438 -13.71 10.62 -13.87
C GLU A 438 -14.00 10.87 -12.38
N LEU A 439 -13.92 12.13 -12.00
CA LEU A 439 -14.48 12.62 -10.75
C LEU A 439 -15.65 13.55 -11.08
N GLY A 440 -16.85 12.98 -11.05
CA GLY A 440 -18.08 13.66 -11.46
C GLY A 440 -18.23 15.07 -10.95
N SER A 441 -18.10 15.23 -9.63
CA SER A 441 -18.13 16.56 -9.01
C SER A 441 -17.41 16.58 -7.67
N GLY A 442 -17.22 17.78 -7.13
CA GLY A 442 -16.52 17.95 -5.87
C GLY A 442 -15.02 18.11 -6.04
N LEU A 443 -14.35 18.43 -4.94
CA LEU A 443 -12.91 18.64 -4.93
C LEU A 443 -12.21 17.36 -4.52
N ALA A 444 -10.94 17.26 -4.90
CA ALA A 444 -10.07 16.21 -4.39
C ALA A 444 -9.15 16.83 -3.36
N LEU A 445 -8.95 16.12 -2.25
CA LEU A 445 -7.99 16.56 -1.24
C LEU A 445 -6.99 15.45 -0.98
N ILE A 446 -5.71 15.73 -1.23
CA ILE A 446 -4.64 14.80 -0.93
C ILE A 446 -3.57 15.52 -0.14
N HIS A 447 -3.55 15.30 1.17
CA HIS A 447 -2.62 16.03 2.02
C HIS A 447 -2.02 15.14 3.12
N HIS A 448 -0.86 15.57 3.64
CA HIS A 448 -0.13 14.88 4.70
C HIS A 448 0.12 13.39 4.46
N ASN A 449 0.50 13.04 3.24
CA ASN A 449 1.00 11.69 2.96
C ASN A 449 2.50 11.80 2.68
N THR A 450 3.29 11.75 3.74
CA THR A 450 4.69 12.16 3.68
C THR A 450 5.56 11.35 2.69
N HIS A 451 5.10 10.17 2.31
CA HIS A 451 5.86 9.29 1.43
C HIS A 451 5.34 9.28 -0.01
N LEU A 452 4.18 9.88 -0.23
CA LEU A 452 3.45 9.74 -1.49
C LEU A 452 3.96 10.61 -2.65
N CYS A 453 4.47 9.94 -3.68
CA CYS A 453 4.78 10.59 -4.96
C CYS A 453 3.64 10.29 -5.93
N PHE A 454 3.84 10.67 -7.19
CA PHE A 454 2.88 10.42 -8.26
C PHE A 454 1.53 11.11 -8.04
N VAL A 455 1.54 12.17 -7.23
CA VAL A 455 0.34 12.98 -7.03
C VAL A 455 0.23 14.00 -8.14
N HIS A 456 1.36 14.54 -8.56
CA HIS A 456 1.39 15.55 -9.62
C HIS A 456 1.76 14.99 -10.99
N THR A 457 1.69 13.67 -11.13
CA THR A 457 1.89 13.05 -12.44
C THR A 457 0.55 12.58 -13.00
N VAL A 458 -0.50 12.84 -12.23
CA VAL A 458 -1.87 12.54 -12.58
C VAL A 458 -2.48 13.76 -13.25
N PRO A 459 -3.14 13.58 -14.41
CA PRO A 459 -3.81 14.70 -15.07
C PRO A 459 -5.22 14.96 -14.50
N TRP A 460 -5.28 15.64 -13.36
CA TRP A 460 -6.56 15.87 -12.67
C TRP A 460 -7.53 16.65 -13.53
N ASP A 461 -6.98 17.56 -14.34
CA ASP A 461 -7.75 18.36 -15.29
C ASP A 461 -8.67 17.50 -16.15
N GLN A 462 -8.30 16.25 -16.37
CA GLN A 462 -9.07 15.34 -17.22
C GLN A 462 -10.04 14.49 -16.43
N LEU A 463 -9.76 14.29 -15.14
CA LEU A 463 -10.66 13.56 -14.26
C LEU A 463 -11.89 14.39 -13.86
N PHE A 464 -11.68 15.68 -13.58
CA PHE A 464 -12.77 16.60 -13.26
C PHE A 464 -13.66 16.86 -14.48
N ARG A 465 -14.87 17.35 -14.24
CA ARG A 465 -15.82 17.66 -15.31
C ARG A 465 -16.02 19.15 -15.48
N ASN A 466 -16.60 19.81 -14.49
CA ASN A 466 -16.70 21.27 -14.53
C ASN A 466 -15.36 21.91 -14.12
N PRO A 467 -15.06 23.11 -14.63
CA PRO A 467 -13.76 23.70 -14.32
C PRO A 467 -13.73 24.45 -12.98
N HIS A 468 -14.78 24.28 -12.17
CA HIS A 468 -14.86 24.87 -10.84
C HIS A 468 -14.33 23.96 -9.74
N GLN A 469 -13.92 22.75 -10.12
CA GLN A 469 -13.32 21.82 -9.17
C GLN A 469 -11.81 21.71 -9.35
N ALA A 470 -11.11 21.32 -8.29
CA ALA A 470 -9.65 21.28 -8.27
C ALA A 470 -9.10 20.28 -7.26
N LEU A 471 -7.80 19.99 -7.37
CA LEU A 471 -7.07 19.21 -6.38
C LEU A 471 -6.44 20.14 -5.36
N LEU A 472 -6.68 19.89 -4.09
CA LEU A 472 -6.01 20.59 -3.02
C LEU A 472 -5.00 19.65 -2.36
N HIS A 473 -3.74 20.05 -2.39
CA HIS A 473 -2.65 19.20 -1.92
C HIS A 473 -1.65 19.99 -1.08
N THR A 474 -1.13 19.35 -0.04
CA THR A 474 -0.11 19.95 0.83
C THR A 474 0.54 18.88 1.72
N ALA A 475 1.81 19.05 2.03
CA ALA A 475 2.55 18.13 2.91
C ALA A 475 2.58 16.65 2.49
N ASN A 476 2.57 16.41 1.19
CA ASN A 476 2.98 15.12 0.64
C ASN A 476 4.51 15.15 0.38
N ARG A 477 5.03 14.14 -0.30
CA ARG A 477 6.43 14.15 -0.67
C ARG A 477 6.63 15.27 -1.68
N PRO A 478 7.63 16.13 -1.45
CA PRO A 478 7.94 17.23 -2.37
C PRO A 478 8.08 16.78 -3.82
N GLU A 479 7.57 17.61 -4.73
CA GLU A 479 7.52 17.33 -6.16
C GLU A 479 8.91 17.12 -6.72
N ASP A 480 9.84 18.00 -6.33
CA ASP A 480 11.22 17.93 -6.82
C ASP A 480 12.05 16.78 -6.22
N GLU A 481 11.43 16.04 -5.30
CA GLU A 481 12.04 14.84 -4.71
C GLU A 481 11.46 13.55 -5.30
N CYS A 482 10.50 13.68 -6.23
CA CYS A 482 10.02 12.53 -6.99
C CYS A 482 10.68 12.56 -8.37
N VAL A 483 11.91 12.08 -8.45
CA VAL A 483 12.76 12.31 -9.63
C VAL A 483 13.38 11.07 -10.26
N GLY A 484 13.91 10.16 -9.43
CA GLY A 484 14.58 8.96 -9.95
C GLY A 484 13.68 7.87 -10.50
N GLU A 485 14.21 6.67 -10.59
CA GLU A 485 13.41 5.49 -10.92
C GLU A 485 12.56 5.13 -9.71
N GLY A 486 11.41 4.51 -9.94
CA GLY A 486 10.52 4.17 -8.85
C GLY A 486 9.92 5.37 -8.16
N LEU A 487 10.28 6.57 -8.61
CA LEU A 487 9.75 7.81 -8.05
C LEU A 487 9.08 8.75 -9.07
N ALA A 488 9.40 8.57 -10.35
CA ALA A 488 8.77 9.34 -11.43
C ALA A 488 8.18 8.41 -12.49
N CYS A 489 7.40 8.94 -13.44
CA CYS A 489 6.78 8.13 -14.48
C CYS A 489 7.80 7.40 -15.36
N HIS A 490 7.39 6.25 -15.89
CA HIS A 490 8.23 5.48 -16.80
C HIS A 490 8.34 6.17 -18.15
N GLN A 491 9.52 6.05 -18.77
CA GLN A 491 9.78 6.58 -20.11
C GLN A 491 8.63 6.36 -21.09
N LEU A 492 8.06 5.15 -21.06
CA LEU A 492 7.00 4.75 -21.99
C LEU A 492 5.60 5.28 -21.70
N CYS A 493 5.42 6.01 -20.60
CA CYS A 493 4.16 6.69 -20.32
C CYS A 493 4.04 7.92 -21.19
N ALA A 494 2.89 8.08 -21.83
CA ALA A 494 2.64 9.22 -22.71
C ALA A 494 2.37 10.46 -21.88
N ARG A 495 2.89 11.59 -22.38
CA ARG A 495 2.66 12.92 -21.81
C ARG A 495 3.07 13.03 -20.33
N GLY A 496 3.92 12.11 -19.89
CA GLY A 496 4.41 12.08 -18.51
C GLY A 496 3.34 11.87 -17.46
N HIS A 497 2.32 11.09 -17.78
CA HIS A 497 1.22 10.84 -16.84
C HIS A 497 1.18 9.40 -16.39
N CYS A 498 1.12 9.19 -15.07
CA CYS A 498 1.09 7.85 -14.48
C CYS A 498 0.57 7.84 -13.04
N TRP A 499 0.14 6.67 -12.59
CA TRP A 499 -0.44 6.50 -11.27
C TRP A 499 0.57 5.93 -10.29
N GLY A 500 1.72 5.52 -10.82
CA GLY A 500 2.80 4.93 -10.04
C GLY A 500 4.00 4.57 -10.89
N PRO A 501 4.94 3.79 -10.33
CA PRO A 501 6.18 3.47 -11.03
C PRO A 501 6.05 2.33 -12.03
N GLY A 502 6.87 2.37 -13.07
CA GLY A 502 6.92 1.27 -14.04
C GLY A 502 5.93 1.37 -15.17
N PRO A 503 6.16 0.62 -16.26
CA PRO A 503 5.36 0.63 -17.48
C PRO A 503 3.99 -0.06 -17.36
N THR A 504 3.52 -0.25 -16.14
CA THR A 504 2.18 -0.81 -15.91
C THR A 504 1.29 0.19 -15.19
N GLN A 505 1.74 1.43 -15.09
CA GLN A 505 1.02 2.47 -14.34
C GLN A 505 0.73 3.72 -15.16
N CYS A 506 1.00 3.66 -16.46
CA CYS A 506 0.74 4.78 -17.36
C CYS A 506 -0.74 5.07 -17.47
N VAL A 507 -1.09 6.36 -17.56
CA VAL A 507 -2.45 6.78 -17.85
C VAL A 507 -2.74 6.47 -19.31
N ASN A 508 -1.92 7.02 -20.20
CA ASN A 508 -2.00 6.71 -21.62
C ASN A 508 -0.69 6.06 -22.02
N CYS A 509 -0.75 5.15 -22.99
CA CYS A 509 0.43 4.40 -23.40
C CYS A 509 1.08 4.99 -24.65
N SER A 510 2.35 5.38 -24.51
CA SER A 510 3.12 6.01 -25.58
C SER A 510 3.14 5.18 -26.87
N GLN A 511 3.43 3.88 -26.76
CA GLN A 511 3.50 3.02 -27.93
C GLN A 511 2.40 1.96 -27.95
N PHE A 512 2.75 0.73 -27.57
CA PHE A 512 1.82 -0.39 -27.58
C PHE A 512 1.60 -1.00 -26.20
N LEU A 513 0.46 -1.65 -26.03
CA LEU A 513 0.15 -2.40 -24.82
C LEU A 513 0.21 -3.90 -25.07
N ARG A 514 0.96 -4.61 -24.24
CA ARG A 514 0.85 -6.06 -24.17
C ARG A 514 0.20 -6.37 -22.85
N GLY A 515 -1.11 -6.56 -22.87
CA GLY A 515 -1.89 -6.72 -21.65
C GLY A 515 -1.87 -5.44 -20.84
N GLN A 516 -1.35 -5.50 -19.62
CA GLN A 516 -1.30 -4.35 -18.74
C GLN A 516 -0.06 -3.47 -18.96
N GLU A 517 0.89 -3.97 -19.73
CA GLU A 517 2.22 -3.35 -19.80
C GLU A 517 2.43 -2.49 -21.05
N CYS A 518 3.08 -1.34 -20.87
CA CYS A 518 3.52 -0.51 -22.00
C CYS A 518 4.82 -1.04 -22.57
N VAL A 519 4.83 -1.33 -23.86
CA VAL A 519 6.01 -1.89 -24.50
C VAL A 519 6.44 -1.04 -25.69
N GLU A 520 7.74 -1.09 -26.01
CA GLU A 520 8.31 -0.35 -27.13
C GLU A 520 7.78 -0.86 -28.48
N GLU A 521 7.83 -2.17 -28.67
CA GLU A 521 7.40 -2.80 -29.92
C GLU A 521 6.64 -4.08 -29.64
N CYS A 522 5.70 -4.42 -30.52
CA CYS A 522 5.11 -5.75 -30.54
C CYS A 522 6.06 -6.67 -31.31
N ARG A 523 5.97 -7.97 -31.05
CA ARG A 523 6.78 -8.95 -31.76
C ARG A 523 6.20 -9.24 -33.15
N VAL A 524 6.18 -8.22 -34.01
CA VAL A 524 5.60 -8.34 -35.34
C VAL A 524 6.57 -9.05 -36.28
N LEU A 525 7.79 -8.54 -36.34
CA LEU A 525 8.80 -9.05 -37.27
C LEU A 525 9.74 -10.07 -36.64
N GLN A 526 9.99 -9.92 -35.34
CA GLN A 526 10.92 -10.78 -34.60
C GLN A 526 10.47 -10.98 -33.16
N GLY A 527 10.75 -12.15 -32.59
CA GLY A 527 10.52 -12.36 -31.17
C GLY A 527 9.92 -13.68 -30.73
N LEU A 528 9.80 -13.83 -29.41
CA LEU A 528 9.39 -15.08 -28.75
C LEU A 528 8.22 -15.79 -29.44
N PRO A 529 6.96 -15.52 -29.01
CA PRO A 529 5.83 -15.81 -29.88
C PRO A 529 5.45 -14.58 -30.71
N ARG A 530 5.24 -14.78 -32.00
CA ARG A 530 4.91 -13.67 -32.91
C ARG A 530 3.55 -13.03 -32.62
N GLU A 531 3.42 -11.76 -32.97
CA GLU A 531 2.21 -10.99 -32.66
C GLU A 531 1.74 -10.12 -33.82
N TYR A 532 0.44 -9.87 -33.84
CA TYR A 532 -0.15 -8.82 -34.68
C TYR A 532 -0.57 -7.69 -33.76
N VAL A 533 -0.79 -6.50 -34.33
CA VAL A 533 -1.25 -5.35 -33.55
C VAL A 533 -2.70 -5.05 -33.90
N ASN A 534 -3.50 -4.77 -32.87
CA ASN A 534 -4.89 -4.37 -33.05
C ASN A 534 -5.31 -3.33 -32.02
N ALA A 535 -5.38 -2.07 -32.49
CA ALA A 535 -5.73 -0.93 -31.65
C ALA A 535 -4.67 -0.67 -30.59
N ARG A 536 -3.40 -0.70 -31.02
CA ARG A 536 -2.25 -0.47 -30.15
C ARG A 536 -2.06 -1.60 -29.12
N HIS A 537 -2.56 -2.78 -29.43
CA HIS A 537 -2.44 -3.94 -28.56
C HIS A 537 -1.65 -5.08 -29.19
N CYS A 538 -0.61 -5.54 -28.51
CA CYS A 538 0.12 -6.72 -28.94
C CYS A 538 -0.71 -7.96 -28.61
N LEU A 539 -0.98 -8.77 -29.62
CA LEU A 539 -1.80 -9.97 -29.45
C LEU A 539 -1.18 -11.16 -30.18
N PRO A 540 -1.29 -12.37 -29.58
CA PRO A 540 -0.57 -13.55 -30.08
C PRO A 540 -1.11 -14.15 -31.37
N CYS A 541 -0.22 -14.49 -32.30
CA CYS A 541 -0.59 -15.28 -33.49
C CYS A 541 -1.00 -16.68 -33.07
N HIS A 542 -1.63 -17.43 -33.98
CA HIS A 542 -1.97 -18.82 -33.69
C HIS A 542 -0.71 -19.68 -33.72
N PRO A 543 -0.56 -20.59 -32.71
CA PRO A 543 0.62 -21.43 -32.57
C PRO A 543 1.04 -22.15 -33.85
N GLU A 544 0.07 -22.38 -34.73
CA GLU A 544 0.31 -23.10 -35.98
C GLU A 544 0.77 -22.21 -37.13
N CYS A 545 0.89 -20.91 -36.87
CA CYS A 545 1.51 -19.99 -37.82
C CYS A 545 3.00 -20.24 -37.85
N GLN A 546 3.60 -20.11 -39.03
CA GLN A 546 5.04 -20.22 -39.19
C GLN A 546 5.65 -18.82 -39.12
N PRO A 547 6.50 -18.58 -38.10
CA PRO A 547 7.26 -17.31 -37.98
C PRO A 547 8.01 -16.96 -39.25
N GLN A 548 7.97 -15.68 -39.62
CA GLN A 548 8.52 -15.21 -40.90
C GLN A 548 9.75 -14.33 -40.73
N ASN A 549 10.72 -14.50 -41.63
CA ASN A 549 11.95 -13.72 -41.61
C ASN A 549 11.73 -12.24 -41.91
N GLY A 550 11.80 -11.43 -40.86
CA GLY A 550 11.67 -9.97 -40.97
C GLY A 550 10.37 -9.46 -41.59
N SER A 551 9.40 -10.36 -41.73
CA SER A 551 8.11 -10.03 -42.33
C SER A 551 6.98 -10.33 -41.34
N VAL A 552 5.78 -9.82 -41.65
CA VAL A 552 4.59 -10.06 -40.82
C VAL A 552 4.29 -11.55 -40.78
N THR A 553 4.00 -12.07 -39.60
CA THR A 553 3.77 -13.50 -39.42
C THR A 553 2.30 -13.88 -39.57
N CYS A 554 1.43 -13.06 -39.00
CA CYS A 554 -0.02 -13.26 -39.11
C CYS A 554 -0.76 -11.93 -39.11
N PHE A 555 -2.07 -11.98 -39.35
CA PHE A 555 -2.89 -10.78 -39.45
C PHE A 555 -3.96 -10.74 -38.37
N GLY A 556 -4.21 -11.88 -37.75
CA GLY A 556 -5.18 -11.98 -36.67
C GLY A 556 -4.94 -13.22 -35.82
N PRO A 557 -5.80 -13.46 -34.83
CA PRO A 557 -5.54 -14.53 -33.87
C PRO A 557 -5.90 -15.92 -34.40
N GLU A 558 -6.77 -15.97 -35.42
CA GLU A 558 -7.32 -17.22 -35.94
C GLU A 558 -6.32 -17.97 -36.84
N ALA A 559 -6.39 -19.30 -36.77
CA ALA A 559 -5.48 -20.18 -37.51
C ALA A 559 -5.64 -20.10 -39.04
N ASP A 560 -6.68 -19.41 -39.49
CA ASP A 560 -6.87 -19.15 -40.93
C ASP A 560 -6.22 -17.83 -41.38
N GLN A 561 -5.53 -17.17 -40.46
CA GLN A 561 -4.92 -15.86 -40.71
C GLN A 561 -3.38 -15.88 -40.74
N CYS A 562 -2.80 -17.07 -40.89
CA CYS A 562 -1.34 -17.20 -40.97
C CYS A 562 -0.82 -16.88 -42.36
N VAL A 563 0.42 -16.42 -42.43
CA VAL A 563 1.11 -16.24 -43.72
C VAL A 563 1.50 -17.61 -44.27
N ALA A 564 2.06 -18.46 -43.41
CA ALA A 564 2.39 -19.84 -43.76
C ALA A 564 2.15 -20.77 -42.57
N CYS A 565 1.95 -22.05 -42.84
CA CYS A 565 1.67 -23.02 -41.78
C CYS A 565 2.93 -23.66 -41.23
N ALA A 566 2.93 -23.92 -39.93
CA ALA A 566 4.08 -24.53 -39.25
C ALA A 566 4.14 -26.03 -39.54
N HIS A 567 2.97 -26.63 -39.76
CA HIS A 567 2.85 -28.06 -40.01
C HIS A 567 2.07 -28.31 -41.30
N TYR A 568 0.91 -28.93 -41.18
CA TYR A 568 0.04 -29.15 -42.34
C TYR A 568 -0.98 -28.04 -42.48
N LYS A 569 -1.53 -27.89 -43.68
CA LYS A 569 -2.61 -26.95 -43.93
C LYS A 569 -3.88 -27.72 -44.29
N ASP A 570 -4.98 -27.32 -43.68
CA ASP A 570 -6.30 -27.87 -43.98
C ASP A 570 -7.24 -26.71 -44.35
N PRO A 571 -7.26 -26.33 -45.64
CA PRO A 571 -8.00 -25.18 -46.18
C PRO A 571 -9.28 -24.82 -45.39
N PRO A 572 -9.33 -23.60 -44.83
CA PRO A 572 -8.29 -22.57 -44.88
C PRO A 572 -7.39 -22.50 -43.63
N PHE A 573 -7.39 -23.54 -42.81
CA PHE A 573 -6.70 -23.53 -41.52
C PHE A 573 -5.28 -24.09 -41.54
N CYS A 574 -4.43 -23.54 -40.67
CA CYS A 574 -3.16 -24.17 -40.37
C CYS A 574 -3.38 -25.12 -39.20
N VAL A 575 -3.15 -26.41 -39.44
CA VAL A 575 -3.44 -27.45 -38.45
C VAL A 575 -2.20 -28.20 -37.99
N ALA A 576 -2.29 -28.82 -36.81
CA ALA A 576 -1.23 -29.68 -36.30
C ALA A 576 -1.21 -31.00 -37.04
N ARG A 577 -2.39 -31.61 -37.20
CA ARG A 577 -2.54 -32.83 -37.99
C ARG A 577 -3.80 -32.78 -38.85
N CYS A 578 -3.80 -33.53 -39.95
CA CYS A 578 -4.94 -33.61 -40.84
C CYS A 578 -6.11 -34.33 -40.16
N PRO A 579 -7.36 -33.91 -40.47
CA PRO A 579 -8.56 -34.49 -39.86
C PRO A 579 -8.60 -36.00 -40.02
N SER A 580 -8.87 -36.70 -38.92
CA SER A 580 -8.97 -38.16 -38.97
C SER A 580 -10.24 -38.63 -38.29
N GLY A 581 -11.33 -38.64 -39.05
CA GLY A 581 -12.64 -39.03 -38.55
C GLY A 581 -13.29 -38.04 -37.62
N VAL A 582 -12.98 -36.76 -37.80
CA VAL A 582 -13.68 -35.70 -37.07
C VAL A 582 -14.96 -35.36 -37.81
N LYS A 583 -16.00 -35.02 -37.07
CA LYS A 583 -17.23 -34.51 -37.65
C LYS A 583 -17.49 -33.12 -37.08
N PRO A 584 -17.54 -32.09 -37.96
CA PRO A 584 -17.64 -30.69 -37.53
C PRO A 584 -18.87 -30.41 -36.66
N ASP A 585 -19.85 -31.30 -36.76
CA ASP A 585 -21.09 -31.25 -35.99
C ASP A 585 -21.80 -32.59 -36.16
N LEU A 586 -22.88 -32.81 -35.40
CA LEU A 586 -23.73 -33.99 -35.58
C LEU A 586 -24.50 -33.89 -36.90
N SER A 587 -24.88 -35.05 -37.43
CA SER A 587 -25.59 -35.16 -38.73
C SER A 587 -24.70 -34.90 -39.96
N TYR A 588 -23.46 -34.44 -39.70
CA TYR A 588 -22.43 -34.35 -40.72
C TYR A 588 -21.62 -35.64 -40.67
N MET A 589 -21.34 -36.21 -41.83
CA MET A 589 -20.50 -37.41 -41.91
C MET A 589 -19.02 -37.06 -41.63
N PRO A 590 -18.28 -37.97 -40.96
CA PRO A 590 -16.90 -37.71 -40.54
C PRO A 590 -15.95 -37.41 -41.71
N ILE A 591 -15.02 -36.49 -41.48
CA ILE A 591 -14.07 -36.07 -42.52
C ILE A 591 -12.67 -36.66 -42.29
N TRP A 592 -12.26 -37.54 -43.21
CA TRP A 592 -10.96 -38.21 -43.17
C TRP A 592 -10.01 -37.65 -44.23
N LYS A 593 -8.80 -37.27 -43.80
CA LYS A 593 -7.82 -36.67 -44.71
C LYS A 593 -6.37 -37.16 -44.52
N PHE A 594 -5.53 -36.86 -45.49
CA PHE A 594 -4.11 -37.21 -45.46
C PHE A 594 -3.22 -36.09 -46.04
N PRO A 595 -1.96 -35.99 -45.59
CA PRO A 595 -1.06 -34.93 -46.04
C PRO A 595 -0.44 -35.15 -47.43
N ASP A 596 0.04 -34.06 -48.03
CA ASP A 596 0.77 -34.08 -49.30
C ASP A 596 2.27 -34.19 -49.07
N GLU A 597 3.02 -34.28 -50.17
CA GLU A 597 4.47 -34.10 -50.14
C GLU A 597 4.80 -32.66 -49.78
N GLU A 598 3.88 -31.75 -50.14
CA GLU A 598 3.99 -30.34 -49.80
C GLU A 598 3.54 -30.09 -48.37
N GLY A 599 2.35 -30.60 -48.02
CA GLY A 599 1.83 -30.47 -46.66
C GLY A 599 0.36 -30.13 -46.56
N ALA A 600 -0.31 -30.01 -47.71
CA ALA A 600 -1.74 -29.71 -47.76
C ALA A 600 -2.58 -30.97 -47.54
N CYS A 601 -3.53 -30.90 -46.61
CA CYS A 601 -4.41 -32.02 -46.31
C CYS A 601 -5.35 -32.31 -47.47
N GLN A 602 -5.40 -33.58 -47.88
CA GLN A 602 -6.16 -34.01 -49.05
C GLN A 602 -7.29 -34.97 -48.67
N PRO A 603 -8.46 -34.85 -49.34
CA PRO A 603 -9.63 -35.67 -49.03
C PRO A 603 -9.47 -37.13 -49.44
N CYS A 604 -10.13 -38.03 -48.71
CA CYS A 604 -10.08 -39.46 -48.99
C CYS A 604 -11.00 -39.86 -50.15
N PRO A 605 -10.76 -41.05 -50.76
CA PRO A 605 -11.59 -41.46 -51.90
C PRO A 605 -12.89 -42.18 -51.49
N ILE A 606 -13.21 -43.28 -52.18
CA ILE A 606 -14.44 -44.07 -51.95
C ILE A 606 -14.59 -44.48 -50.48
N ASN A 607 -15.81 -44.32 -49.95
CA ASN A 607 -16.11 -44.62 -48.54
C ASN A 607 -15.96 -46.09 -48.14
N CYS A 608 -15.25 -46.32 -47.03
CA CYS A 608 -15.09 -47.62 -46.35
C CYS A 608 -14.41 -48.74 -47.16
N THR A 609 -14.20 -49.89 -46.49
CA THR A 609 -13.26 -50.97 -46.89
C THR A 609 -11.83 -50.46 -46.69
N HIS A 610 -11.45 -49.49 -47.54
CA HIS A 610 -10.20 -48.75 -47.38
C HIS A 610 -10.56 -47.39 -46.81
N SER A 611 -10.88 -47.35 -45.52
CA SER A 611 -11.31 -46.12 -44.82
C SER A 611 -10.36 -44.95 -45.03
N CYS A 612 -9.18 -45.24 -45.58
CA CYS A 612 -8.18 -44.28 -46.01
C CYS A 612 -7.48 -43.52 -44.91
N VAL A 613 -6.15 -43.50 -45.00
CA VAL A 613 -5.26 -42.49 -44.42
C VAL A 613 -3.86 -42.77 -44.92
N ASP A 614 -3.25 -41.76 -45.54
CA ASP A 614 -2.02 -41.91 -46.32
C ASP A 614 -2.10 -43.16 -47.20
N LEU A 615 -1.61 -44.29 -46.70
CA LEU A 615 -1.80 -45.57 -47.40
C LEU A 615 -2.81 -46.52 -46.76
N ASP A 616 -3.96 -45.96 -46.35
CA ASP A 616 -5.23 -46.69 -46.17
C ASP A 616 -5.33 -47.79 -45.11
N ASP A 617 -6.44 -47.80 -44.38
CA ASP A 617 -6.66 -48.74 -43.28
C ASP A 617 -8.08 -49.28 -43.23
N LYS A 618 -8.23 -50.48 -42.67
CA LYS A 618 -9.53 -51.18 -42.61
C LYS A 618 -10.34 -50.77 -41.38
N GLY A 619 -11.32 -51.59 -41.03
CA GLY A 619 -12.08 -51.42 -39.80
C GLY A 619 -13.11 -50.30 -39.81
N CYS A 620 -14.06 -50.39 -40.74
CA CYS A 620 -15.20 -49.46 -40.78
C CYS A 620 -16.49 -50.20 -41.14
N ASP B 1 22.76 6.37 -7.17
CA ASP B 1 22.64 5.67 -5.86
C ASP B 1 22.99 6.56 -4.66
N ILE B 2 22.88 5.98 -3.46
CA ILE B 2 23.09 6.71 -2.21
C ILE B 2 23.79 5.81 -1.19
N GLN B 3 24.68 6.38 -0.39
CA GLN B 3 25.56 5.58 0.48
C GLN B 3 25.24 5.73 1.97
N MET B 4 24.94 4.59 2.61
CA MET B 4 24.81 4.53 4.08
C MET B 4 26.13 4.07 4.65
N THR B 5 26.70 4.84 5.56
CA THR B 5 28.01 4.51 6.11
C THR B 5 28.00 4.43 7.63
N GLN B 6 28.34 3.25 8.13
CA GLN B 6 28.23 2.98 9.55
C GLN B 6 29.57 3.11 10.25
N SER B 7 29.52 3.49 11.52
CA SER B 7 30.71 3.63 12.34
C SER B 7 30.38 3.20 13.77
N PRO B 8 31.25 2.40 14.40
CA PRO B 8 32.48 1.86 13.80
C PRO B 8 32.18 0.58 13.03
N SER B 9 33.20 0.05 12.34
CA SER B 9 33.08 -1.23 11.65
C SER B 9 32.74 -2.31 12.67
N SER B 10 33.52 -2.34 13.75
CA SER B 10 33.29 -3.24 14.88
C SER B 10 33.48 -2.51 16.20
N LEU B 11 32.79 -3.00 17.23
CA LEU B 11 33.01 -2.52 18.60
C LEU B 11 32.85 -3.64 19.61
N SER B 12 33.59 -3.52 20.72
CA SER B 12 33.49 -4.48 21.81
C SER B 12 33.08 -3.76 23.09
N ALA B 13 32.05 -4.28 23.76
CA ALA B 13 31.59 -3.68 25.01
C ALA B 13 31.14 -4.71 26.05
N SER B 14 31.37 -4.38 27.32
CA SER B 14 31.02 -5.22 28.45
C SER B 14 29.50 -5.15 28.72
N VAL B 15 28.97 -6.13 29.45
CA VAL B 15 27.54 -6.19 29.76
C VAL B 15 27.11 -4.98 30.60
N GLY B 16 26.10 -4.25 30.12
CA GLY B 16 25.57 -3.10 30.84
C GLY B 16 25.97 -1.75 30.26
N ASP B 17 26.96 -1.76 29.37
CA ASP B 17 27.48 -0.53 28.77
C ASP B 17 26.49 0.13 27.80
N ARG B 18 26.66 1.43 27.60
CA ARG B 18 25.84 2.21 26.68
C ARG B 18 26.48 2.20 25.30
N VAL B 19 26.03 1.29 24.45
CA VAL B 19 26.52 1.19 23.08
C VAL B 19 25.74 2.11 22.15
N THR B 20 26.46 2.91 21.35
CA THR B 20 25.85 3.71 20.29
C THR B 20 26.52 3.41 18.94
N ILE B 21 25.70 3.31 17.89
CA ILE B 21 26.17 3.03 16.55
C ILE B 21 25.70 4.14 15.61
N THR B 22 26.64 4.72 14.86
CA THR B 22 26.31 5.80 13.93
C THR B 22 26.09 5.25 12.51
N CYS B 23 25.17 5.88 11.79
CA CYS B 23 24.93 5.59 10.38
C CYS B 23 24.69 6.90 9.66
N ARG B 24 25.46 7.14 8.60
CA ARG B 24 25.51 8.44 7.94
C ARG B 24 25.09 8.41 6.48
N ALA B 25 23.98 9.08 6.17
CA ALA B 25 23.47 9.20 4.80
C ALA B 25 24.25 10.23 3.98
N SER B 26 24.51 9.90 2.71
CA SER B 26 25.33 10.77 1.86
C SER B 26 24.56 12.00 1.39
N GLN B 27 23.27 11.82 1.17
CA GLN B 27 22.36 12.91 0.84
C GLN B 27 21.26 12.90 1.88
N SER B 28 20.39 13.92 1.87
CA SER B 28 19.23 13.91 2.75
C SER B 28 18.39 12.69 2.42
N VAL B 29 17.99 12.00 3.47
CA VAL B 29 17.32 10.72 3.31
C VAL B 29 16.01 10.77 4.10
N SER B 30 15.67 11.98 4.53
CA SER B 30 14.49 12.28 5.34
C SER B 30 14.50 11.47 6.64
N SER B 31 13.33 11.05 7.10
CA SER B 31 13.21 10.26 8.30
C SER B 31 13.19 8.76 7.98
N ALA B 32 13.29 8.45 6.69
CA ALA B 32 13.03 7.10 6.19
C ALA B 32 14.18 6.10 6.42
N VAL B 33 14.54 5.87 7.68
CA VAL B 33 15.63 4.94 8.01
C VAL B 33 15.20 3.81 8.95
N ALA B 34 15.78 2.63 8.77
CA ALA B 34 15.48 1.45 9.57
C ALA B 34 16.76 0.82 10.13
N TRP B 35 16.62 0.15 11.27
CA TRP B 35 17.75 -0.52 11.91
C TRP B 35 17.46 -2.01 12.09
N TYR B 36 18.43 -2.85 11.74
CA TYR B 36 18.26 -4.29 11.82
C TYR B 36 19.33 -4.95 12.67
N GLN B 37 18.96 -6.04 13.33
CA GLN B 37 19.88 -6.81 14.14
C GLN B 37 20.01 -8.21 13.54
N GLN B 38 21.21 -8.57 13.10
CA GLN B 38 21.39 -9.88 12.49
C GLN B 38 22.37 -10.76 13.24
N LYS B 39 21.85 -11.82 13.85
CA LYS B 39 22.68 -12.83 14.49
C LYS B 39 23.26 -13.70 13.37
N PRO B 40 24.47 -14.25 13.58
CA PRO B 40 25.21 -14.98 12.55
C PRO B 40 24.41 -16.11 11.91
N GLY B 41 24.17 -15.98 10.61
CA GLY B 41 23.48 -17.02 9.85
C GLY B 41 21.99 -17.17 10.14
N LYS B 42 21.33 -16.06 10.44
CA LYS B 42 19.87 -16.04 10.51
C LYS B 42 19.35 -14.72 9.91
N ALA B 43 18.03 -14.61 9.75
CA ALA B 43 17.44 -13.44 9.12
C ALA B 43 17.60 -12.19 9.98
N PRO B 44 17.80 -11.02 9.34
CA PRO B 44 17.81 -9.76 10.06
C PRO B 44 16.49 -9.53 10.79
N LYS B 45 16.57 -8.95 11.99
CA LYS B 45 15.40 -8.65 12.80
C LYS B 45 15.24 -7.14 12.89
N LEU B 46 14.06 -6.63 12.55
CA LEU B 46 13.77 -5.20 12.59
C LEU B 46 13.68 -4.66 14.02
N LEU B 47 14.41 -3.58 14.30
CA LEU B 47 14.41 -2.97 15.63
C LEU B 47 13.72 -1.62 15.61
N ILE B 48 14.27 -0.70 14.82
CA ILE B 48 13.75 0.64 14.67
C ILE B 48 13.38 0.92 13.21
N TYR B 49 12.21 1.53 13.04
CA TYR B 49 11.78 2.03 11.73
C TYR B 49 11.49 3.53 11.81
N SER B 50 11.50 4.18 10.65
CA SER B 50 11.27 5.62 10.55
C SER B 50 12.10 6.42 11.58
N ALA B 51 13.37 6.07 11.67
CA ALA B 51 14.39 6.76 12.50
C ALA B 51 14.22 6.63 14.02
N SER B 52 13.03 6.94 14.51
CA SER B 52 12.79 7.06 15.96
C SER B 52 11.93 5.93 16.53
N SER B 53 10.94 5.49 15.75
CA SER B 53 9.95 4.52 16.20
C SER B 53 10.56 3.14 16.33
N LEU B 54 10.27 2.46 17.44
CA LEU B 54 10.69 1.06 17.56
C LEU B 54 9.55 0.06 17.36
N TYR B 55 9.87 -0.98 16.58
CA TYR B 55 8.95 -2.06 16.25
C TYR B 55 8.43 -2.79 17.47
N SER B 56 7.26 -3.41 17.35
CA SER B 56 6.65 -4.17 18.44
C SER B 56 7.49 -5.33 18.93
N GLY B 57 7.49 -5.54 20.24
CA GLY B 57 8.19 -6.67 20.85
C GLY B 57 9.67 -6.45 21.07
N VAL B 58 10.18 -5.34 20.55
CA VAL B 58 11.59 -5.00 20.73
C VAL B 58 11.77 -4.39 22.14
N PRO B 59 12.77 -4.87 22.90
CA PRO B 59 13.02 -4.37 24.26
C PRO B 59 13.28 -2.86 24.34
N SER B 60 13.04 -2.30 25.53
CA SER B 60 13.16 -0.86 25.80
C SER B 60 14.55 -0.30 25.56
N ARG B 61 15.55 -1.17 25.54
CA ARG B 61 16.95 -0.76 25.45
C ARG B 61 17.27 -0.10 24.11
N PHE B 62 16.66 -0.61 23.04
CA PHE B 62 16.95 -0.14 21.70
C PHE B 62 16.19 1.15 21.40
N SER B 63 16.93 2.19 21.04
CA SER B 63 16.33 3.46 20.65
C SER B 63 17.01 4.01 19.40
N GLY B 64 16.36 4.98 18.74
CA GLY B 64 16.90 5.58 17.53
C GLY B 64 16.65 7.07 17.46
N SER B 65 17.68 7.83 17.09
CA SER B 65 17.57 9.27 16.95
C SER B 65 18.17 9.76 15.65
N ARG B 66 17.61 10.83 15.11
CA ARG B 66 18.10 11.42 13.88
C ARG B 66 18.54 12.88 14.08
N SER B 67 19.74 13.19 13.61
CA SER B 67 20.22 14.55 13.59
C SER B 67 20.77 14.89 12.20
N GLY B 68 19.92 15.50 11.38
CA GLY B 68 20.28 15.85 10.01
C GLY B 68 20.34 14.64 9.11
N THR B 69 21.55 14.14 8.88
CA THR B 69 21.76 12.92 8.11
C THR B 69 22.49 11.87 8.94
N ASP B 70 22.70 12.19 10.22
CA ASP B 70 23.39 11.29 11.14
C ASP B 70 22.39 10.55 12.02
N PHE B 71 22.30 9.23 11.82
CA PHE B 71 21.35 8.40 12.54
C PHE B 71 22.06 7.57 13.61
N THR B 72 21.44 7.43 14.77
CA THR B 72 22.08 6.77 15.90
C THR B 72 21.22 5.67 16.52
N LEU B 73 21.56 4.42 16.22
CA LEU B 73 21.03 3.30 16.98
C LEU B 73 21.82 3.23 18.28
N THR B 74 21.11 3.22 19.40
CA THR B 74 21.79 3.22 20.70
C THR B 74 21.14 2.25 21.69
N ILE B 75 21.95 1.33 22.21
CA ILE B 75 21.54 0.38 23.22
C ILE B 75 21.91 0.95 24.59
N SER B 76 20.91 1.17 25.43
CA SER B 76 21.11 1.84 26.73
C SER B 76 22.00 1.05 27.69
N SER B 77 21.68 -0.23 27.89
CA SER B 77 22.55 -1.13 28.65
C SER B 77 22.62 -2.48 27.95
N LEU B 78 23.82 -2.80 27.46
CA LEU B 78 24.05 -4.00 26.65
C LEU B 78 23.79 -5.29 27.42
N GLN B 79 23.25 -6.28 26.72
CA GLN B 79 22.99 -7.59 27.31
C GLN B 79 23.61 -8.71 26.46
N PRO B 80 23.96 -9.86 27.10
CA PRO B 80 24.78 -10.89 26.47
C PRO B 80 24.25 -11.43 25.14
N GLU B 81 22.93 -11.36 24.94
CA GLU B 81 22.30 -11.82 23.69
C GLU B 81 22.31 -10.77 22.59
N ASP B 82 22.84 -9.59 22.89
CA ASP B 82 22.86 -8.49 21.93
C ASP B 82 24.04 -8.57 20.95
N PHE B 83 24.86 -9.61 21.07
N PHE B 83 24.86 -9.61 21.07
CA PHE B 83 25.92 -9.89 20.10
CA PHE B 83 25.92 -9.87 20.11
C PHE B 83 25.31 -10.16 18.73
C PHE B 83 25.26 -10.12 18.74
N ALA B 84 25.61 -9.29 17.77
CA ALA B 84 25.09 -9.39 16.39
C ALA B 84 25.77 -8.36 15.51
N THR B 85 25.45 -8.39 14.22
CA THR B 85 25.82 -7.32 13.32
C THR B 85 24.56 -6.46 13.08
N TYR B 86 24.72 -5.15 13.20
CA TYR B 86 23.61 -4.24 13.10
C TYR B 86 23.72 -3.46 11.81
N TYR B 87 22.62 -3.39 11.06
CA TYR B 87 22.58 -2.69 9.77
C TYR B 87 21.55 -1.58 9.78
N CYS B 88 21.93 -0.41 9.28
CA CYS B 88 20.94 0.63 8.95
C CYS B 88 20.53 0.50 7.49
N GLN B 89 19.35 1.03 7.17
CA GLN B 89 18.81 1.01 5.80
C GLN B 89 17.99 2.27 5.53
N GLN B 90 18.18 2.86 4.34
CA GLN B 90 17.38 4.03 3.94
C GLN B 90 16.29 3.63 2.95
N TRP B 91 15.18 4.39 2.97
CA TRP B 91 14.03 4.11 2.11
C TRP B 91 13.60 5.27 1.23
N TRP B 92 14.20 6.43 1.45
CA TRP B 92 13.85 7.64 0.72
C TRP B 92 14.16 7.61 -0.78
N TRP B 93 15.37 7.18 -1.12
CA TRP B 93 15.78 7.11 -2.53
C TRP B 93 15.75 5.69 -3.02
N TRP B 94 15.62 5.51 -4.33
CA TRP B 94 15.51 4.17 -4.90
C TRP B 94 16.71 3.83 -5.81
N PRO B 95 17.25 2.60 -5.70
CA PRO B 95 16.84 1.53 -4.78
C PRO B 95 17.23 1.83 -3.34
N SER B 96 16.56 1.17 -2.41
CA SER B 96 16.89 1.29 -1.00
C SER B 96 18.29 0.72 -0.77
N THR B 97 19.01 1.27 0.20
CA THR B 97 20.39 0.87 0.42
C THR B 97 20.70 0.60 1.88
N PHE B 98 21.60 -0.35 2.12
CA PHE B 98 22.04 -0.74 3.46
C PHE B 98 23.38 -0.10 3.85
N GLY B 99 23.62 0.00 5.15
CA GLY B 99 24.96 0.32 5.64
C GLY B 99 25.83 -0.93 5.58
N GLN B 100 27.14 -0.77 5.75
CA GLN B 100 28.05 -1.90 5.60
C GLN B 100 28.04 -2.81 6.82
N GLY B 101 27.42 -2.33 7.91
CA GLY B 101 27.21 -3.13 9.11
C GLY B 101 28.11 -2.74 10.26
N THR B 102 27.62 -2.97 11.47
CA THR B 102 28.44 -2.81 12.67
C THR B 102 28.36 -4.08 13.50
N LYS B 103 29.50 -4.74 13.68
CA LYS B 103 29.58 -5.94 14.51
C LYS B 103 29.81 -5.57 15.97
N VAL B 104 28.94 -6.07 16.84
CA VAL B 104 29.01 -5.78 18.28
C VAL B 104 29.37 -7.05 19.04
N GLU B 105 30.48 -6.98 19.76
CA GLU B 105 31.06 -8.14 20.47
C GLU B 105 31.02 -7.91 21.98
N ILE B 106 30.79 -8.98 22.73
CA ILE B 106 30.65 -8.88 24.19
C ILE B 106 31.98 -9.12 24.92
N LYS B 107 32.33 -8.19 25.80
CA LYS B 107 33.53 -8.33 26.63
C LYS B 107 33.13 -8.91 27.98
N ARG B 108 33.91 -9.91 28.44
CA ARG B 108 33.70 -10.52 29.75
C ARG B 108 35.03 -10.96 30.37
N THR B 109 34.95 -11.58 31.56
CA THR B 109 36.14 -12.03 32.29
C THR B 109 36.79 -13.27 31.65
N VAL B 110 38.03 -13.53 32.03
CA VAL B 110 38.78 -14.67 31.49
C VAL B 110 38.16 -15.98 31.96
N ALA B 111 37.89 -16.88 31.02
CA ALA B 111 37.34 -18.20 31.33
C ALA B 111 38.16 -19.32 30.71
N ALA B 112 38.61 -20.25 31.56
CA ALA B 112 39.39 -21.41 31.13
C ALA B 112 38.55 -22.39 30.30
N PRO B 113 39.14 -22.97 29.24
CA PRO B 113 38.43 -23.96 28.43
C PRO B 113 38.38 -25.36 29.04
N SER B 114 37.25 -26.04 28.87
CA SER B 114 37.12 -27.45 29.23
C SER B 114 37.60 -28.31 28.05
N VAL B 115 38.68 -29.04 28.25
CA VAL B 115 39.31 -29.80 27.17
C VAL B 115 38.86 -31.27 27.13
N PHE B 116 38.55 -31.74 25.94
CA PHE B 116 38.16 -33.12 25.71
C PHE B 116 38.91 -33.71 24.51
N ILE B 117 39.20 -35.00 24.56
CA ILE B 117 39.85 -35.70 23.45
C ILE B 117 38.99 -36.86 22.95
N PHE B 118 38.75 -36.89 21.65
CA PHE B 118 37.93 -37.94 21.05
C PHE B 118 38.72 -38.84 20.09
N PRO B 119 38.56 -40.17 20.23
CA PRO B 119 39.27 -41.12 19.37
C PRO B 119 38.51 -41.39 18.08
N PRO B 120 39.24 -41.62 16.97
CA PRO B 120 38.60 -41.92 15.68
C PRO B 120 37.69 -43.14 15.73
N SER B 121 36.45 -42.95 15.30
CA SER B 121 35.39 -43.97 15.40
C SER B 121 35.78 -45.33 14.83
N ASP B 122 35.24 -46.38 15.44
CA ASP B 122 35.45 -47.76 14.99
C ASP B 122 34.88 -48.00 13.59
N GLU B 123 33.75 -47.36 13.29
CA GLU B 123 33.12 -47.42 11.98
C GLU B 123 33.97 -46.73 10.92
N GLN B 124 34.54 -45.58 11.28
CA GLN B 124 35.39 -44.79 10.37
C GLN B 124 36.72 -45.46 10.09
N LEU B 125 37.20 -46.25 11.04
CA LEU B 125 38.43 -47.02 10.88
C LEU B 125 38.35 -47.99 9.70
N LYS B 126 37.14 -48.49 9.44
CA LYS B 126 36.86 -49.35 8.29
C LYS B 126 36.58 -48.49 7.05
N SER B 127 37.49 -47.56 6.75
CA SER B 127 37.33 -46.63 5.63
C SER B 127 38.66 -46.17 5.02
N GLY B 128 39.73 -46.20 5.82
CA GLY B 128 41.05 -45.80 5.36
C GLY B 128 41.42 -44.36 5.70
N THR B 129 40.68 -43.77 6.64
CA THR B 129 40.94 -42.41 7.15
C THR B 129 40.43 -42.26 8.59
N ALA B 130 41.24 -41.61 9.43
CA ALA B 130 40.90 -41.40 10.84
C ALA B 130 40.90 -39.92 11.20
N SER B 131 39.89 -39.51 11.98
CA SER B 131 39.80 -38.14 12.48
C SER B 131 39.85 -38.07 14.01
N VAL B 132 40.84 -37.35 14.52
CA VAL B 132 41.00 -37.18 15.97
C VAL B 132 40.57 -35.78 16.36
N VAL B 133 39.54 -35.70 17.19
CA VAL B 133 38.89 -34.43 17.52
C VAL B 133 39.26 -33.94 18.92
N CYS B 134 39.66 -32.67 19.02
CA CYS B 134 39.90 -32.01 20.30
C CYS B 134 38.91 -30.87 20.54
N LEU B 135 38.32 -30.82 21.73
CA LEU B 135 37.27 -29.87 22.07
C LEU B 135 37.69 -28.94 23.21
N LEU B 136 37.71 -27.64 22.93
CA LEU B 136 37.92 -26.62 23.96
C LEU B 136 36.57 -25.99 24.27
N ASN B 137 36.00 -26.32 25.43
CA ASN B 137 34.61 -25.96 25.71
C ASN B 137 34.42 -24.79 26.67
N ASN B 138 33.70 -23.78 26.17
CA ASN B 138 33.28 -22.61 26.95
C ASN B 138 34.42 -21.79 27.54
N PHE B 139 34.99 -20.91 26.74
CA PHE B 139 36.16 -20.12 27.13
C PHE B 139 36.18 -18.69 26.61
N TYR B 140 36.98 -17.85 27.26
CA TYR B 140 37.19 -16.46 26.86
C TYR B 140 38.53 -15.94 27.37
N PRO B 141 39.27 -15.15 26.56
CA PRO B 141 38.95 -14.67 25.21
C PRO B 141 39.12 -15.73 24.14
N ARG B 142 39.02 -15.32 22.87
CA ARG B 142 38.96 -16.26 21.76
C ARG B 142 40.27 -16.97 21.48
N GLU B 143 41.36 -16.20 21.45
CA GLU B 143 42.67 -16.72 21.03
C GLU B 143 43.25 -17.76 21.99
N ALA B 144 43.10 -19.03 21.60
CA ALA B 144 43.75 -20.15 22.26
C ALA B 144 44.85 -20.69 21.35
N LYS B 145 45.54 -21.73 21.79
CA LYS B 145 46.58 -22.36 20.99
C LYS B 145 46.57 -23.86 21.20
N VAL B 146 46.06 -24.57 20.20
CA VAL B 146 45.98 -26.03 20.24
C VAL B 146 47.18 -26.64 19.52
N GLN B 147 47.77 -27.65 20.15
CA GLN B 147 48.88 -28.38 19.54
C GLN B 147 48.70 -29.88 19.69
N TRP B 148 48.94 -30.59 18.59
CA TRP B 148 48.75 -32.03 18.52
C TRP B 148 50.04 -32.79 18.81
N LYS B 149 49.91 -33.89 19.53
CA LYS B 149 51.03 -34.76 19.80
C LYS B 149 50.70 -36.21 19.48
N VAL B 150 51.46 -36.77 18.54
CA VAL B 150 51.37 -38.17 18.16
C VAL B 150 52.70 -38.81 18.57
N ASP B 151 52.68 -39.58 19.66
CA ASP B 151 53.90 -40.13 20.26
C ASP B 151 54.97 -39.06 20.50
N ASN B 152 54.52 -37.91 21.03
CA ASN B 152 55.36 -36.74 21.32
C ASN B 152 55.97 -36.03 20.10
N ALA B 153 55.39 -36.27 18.93
CA ALA B 153 55.78 -35.55 17.72
C ALA B 153 54.77 -34.42 17.47
N LEU B 154 55.27 -33.18 17.46
CA LEU B 154 54.46 -32.00 17.18
C LEU B 154 54.04 -31.99 15.72
N GLN B 155 52.73 -31.99 15.50
CA GLN B 155 52.16 -32.02 14.15
C GLN B 155 52.16 -30.63 13.53
N SER B 156 52.14 -30.58 12.20
CA SER B 156 52.16 -29.32 11.47
C SER B 156 51.41 -29.42 10.14
N GLY B 157 50.51 -28.46 9.91
CA GLY B 157 49.79 -28.33 8.65
C GLY B 157 48.87 -29.48 8.26
N ASN B 158 48.38 -30.21 9.25
CA ASN B 158 47.49 -31.35 9.01
C ASN B 158 46.26 -31.36 9.94
N SER B 159 45.96 -30.19 10.51
CA SER B 159 44.80 -30.03 11.36
C SER B 159 44.15 -28.68 11.12
N GLN B 160 42.85 -28.62 11.37
CA GLN B 160 42.07 -27.41 11.12
C GLN B 160 41.11 -27.12 12.26
N GLU B 161 40.97 -25.84 12.58
CA GLU B 161 40.16 -25.40 13.72
C GLU B 161 38.88 -24.67 13.30
N SER B 162 37.89 -24.73 14.18
CA SER B 162 36.59 -24.11 13.96
C SER B 162 36.09 -23.49 15.26
N VAL B 163 35.66 -22.23 15.20
CA VAL B 163 35.26 -21.50 16.41
C VAL B 163 33.75 -21.27 16.47
N THR B 164 33.16 -21.59 17.62
CA THR B 164 31.76 -21.31 17.89
C THR B 164 31.54 -19.80 17.96
N GLU B 165 30.36 -19.35 17.51
CA GLU B 165 29.96 -17.96 17.70
C GLU B 165 29.64 -17.72 19.17
N GLN B 166 29.87 -16.50 19.63
CA GLN B 166 29.79 -16.17 21.07
C GLN B 166 28.44 -16.55 21.71
N ASP B 167 28.48 -17.43 22.71
CA ASP B 167 27.28 -17.91 23.40
C ASP B 167 26.40 -16.79 23.96
N SER B 168 25.10 -16.84 23.64
CA SER B 168 24.16 -15.76 24.00
C SER B 168 23.82 -15.65 25.50
N LYS B 169 24.32 -16.58 26.32
CA LYS B 169 24.09 -16.49 27.76
C LYS B 169 25.30 -16.01 28.56
N ASP B 170 26.43 -16.70 28.38
CA ASP B 170 27.66 -16.38 29.14
C ASP B 170 28.81 -15.86 28.28
N SER B 171 28.54 -15.63 26.99
CA SER B 171 29.48 -14.99 26.07
C SER B 171 30.82 -15.72 25.87
N THR B 172 30.81 -17.03 26.02
CA THR B 172 32.03 -17.84 25.88
C THR B 172 32.08 -18.51 24.52
N TYR B 173 33.28 -18.80 24.05
CA TYR B 173 33.48 -19.50 22.77
C TYR B 173 33.68 -20.98 23.00
N SER B 174 33.57 -21.75 21.91
CA SER B 174 34.04 -23.13 21.89
C SER B 174 34.90 -23.37 20.65
N LEU B 175 35.87 -24.26 20.77
CA LEU B 175 36.82 -24.52 19.70
C LEU B 175 36.85 -26.01 19.41
N SER B 176 36.97 -26.36 18.14
CA SER B 176 37.20 -27.76 17.78
C SER B 176 38.39 -27.85 16.85
N SER B 177 39.34 -28.71 17.21
CA SER B 177 40.50 -28.99 16.38
C SER B 177 40.39 -30.42 15.86
N THR B 178 40.70 -30.62 14.59
CA THR B 178 40.56 -31.95 13.98
C THR B 178 41.82 -32.42 13.28
N LEU B 179 42.36 -33.54 13.78
CA LEU B 179 43.54 -34.16 13.22
C LEU B 179 43.14 -35.20 12.18
N THR B 180 43.45 -34.92 10.92
CA THR B 180 43.07 -35.81 9.83
C THR B 180 44.28 -36.63 9.38
N LEU B 181 44.22 -37.93 9.63
CA LEU B 181 45.30 -38.85 9.28
C LEU B 181 44.79 -40.08 8.56
N SER B 182 45.63 -40.62 7.67
CA SER B 182 45.35 -41.89 7.01
C SER B 182 45.47 -43.03 8.02
N LYS B 183 44.75 -44.13 7.78
CA LYS B 183 44.79 -45.30 8.64
C LYS B 183 46.23 -45.79 8.87
N ALA B 184 47.07 -45.66 7.84
CA ALA B 184 48.48 -46.09 7.91
C ALA B 184 49.27 -45.35 8.98
N ASP B 185 49.24 -44.01 8.93
CA ASP B 185 49.99 -43.17 9.87
C ASP B 185 49.34 -43.10 11.26
N TYR B 186 48.14 -43.67 11.38
CA TYR B 186 47.44 -43.77 12.66
C TYR B 186 47.78 -45.06 13.37
N GLU B 187 47.91 -46.15 12.60
CA GLU B 187 48.23 -47.45 13.16
C GLU B 187 49.73 -47.61 13.45
N LYS B 188 50.53 -46.63 13.03
CA LYS B 188 51.95 -46.59 13.33
C LYS B 188 52.22 -46.03 14.73
N HIS B 189 51.17 -45.58 15.40
CA HIS B 189 51.31 -44.88 16.69
C HIS B 189 50.20 -45.23 17.69
N LYS B 190 50.44 -44.94 18.97
CA LYS B 190 49.56 -45.42 20.05
C LYS B 190 49.03 -44.36 21.03
N VAL B 191 49.85 -43.38 21.39
CA VAL B 191 49.47 -42.36 22.37
C VAL B 191 49.18 -41.00 21.72
N TYR B 192 47.92 -40.60 21.77
CA TYR B 192 47.44 -39.40 21.07
C TYR B 192 46.99 -38.28 22.00
N ALA B 193 47.67 -37.15 21.92
CA ALA B 193 47.49 -36.06 22.89
C ALA B 193 47.19 -34.71 22.24
N CYS B 194 46.35 -33.93 22.92
CA CYS B 194 45.97 -32.58 22.51
C CYS B 194 46.40 -31.56 23.57
N GLU B 195 47.21 -30.58 23.16
CA GLU B 195 47.79 -29.61 24.09
C GLU B 195 47.26 -28.19 23.91
N VAL B 196 46.68 -27.65 24.99
CA VAL B 196 45.93 -26.39 24.96
C VAL B 196 46.64 -25.29 25.76
N THR B 197 46.72 -24.09 25.18
CA THR B 197 47.28 -22.93 25.87
C THR B 197 46.34 -21.72 25.79
N HIS B 198 45.81 -21.34 26.95
CA HIS B 198 44.85 -20.24 27.05
C HIS B 198 45.23 -19.28 28.20
N GLN B 199 44.66 -18.08 28.20
CA GLN B 199 44.92 -17.09 29.24
C GLN B 199 44.36 -17.50 30.60
N GLY B 200 43.30 -18.29 30.59
CA GLY B 200 42.71 -18.83 31.83
C GLY B 200 43.46 -20.05 32.36
N LEU B 201 44.45 -20.51 31.60
CA LEU B 201 45.26 -21.65 31.98
C LEU B 201 46.63 -21.19 32.45
N SER B 202 46.95 -21.47 33.72
CA SER B 202 48.25 -21.15 34.30
C SER B 202 49.33 -22.00 33.66
N SER B 203 48.97 -23.24 33.34
CA SER B 203 49.83 -24.18 32.63
C SER B 203 48.99 -24.98 31.63
N PRO B 204 49.58 -25.35 30.48
CA PRO B 204 48.87 -26.08 29.42
C PRO B 204 48.10 -27.33 29.89
N VAL B 205 46.88 -27.49 29.38
CA VAL B 205 46.09 -28.71 29.63
C VAL B 205 46.39 -29.70 28.50
N THR B 206 46.53 -30.97 28.85
CA THR B 206 46.68 -32.03 27.86
C THR B 206 45.71 -33.16 28.16
N LYS B 207 45.01 -33.61 27.11
CA LYS B 207 44.12 -34.76 27.21
C LYS B 207 44.56 -35.86 26.25
N SER B 208 44.66 -37.09 26.75
CA SER B 208 45.21 -38.20 25.96
C SER B 208 44.28 -39.41 25.86
N PHE B 209 44.62 -40.32 24.94
CA PHE B 209 44.05 -41.67 24.93
C PHE B 209 45.03 -42.69 24.36
N ASN B 210 44.99 -43.91 24.91
CA ASN B 210 45.82 -45.00 24.42
C ASN B 210 45.04 -45.91 23.49
N ARG B 211 45.39 -45.85 22.21
CA ARG B 211 44.67 -46.53 21.13
C ARG B 211 44.32 -47.98 21.44
N GLY B 212 43.03 -48.24 21.65
CA GLY B 212 42.52 -49.57 21.96
C GLY B 212 43.20 -50.27 23.12
N GLU B 213 43.54 -49.51 24.17
CA GLU B 213 44.21 -50.07 25.34
C GLU B 213 43.93 -49.27 26.63
N CYS B 214 43.07 -49.83 27.48
CA CYS B 214 42.76 -49.28 28.80
C CYS B 214 41.93 -50.25 29.63
N GLU C 1 2.08 -14.97 13.46
CA GLU C 1 1.15 -15.66 12.52
C GLU C 1 1.47 -15.30 11.06
N VAL C 2 2.02 -14.11 10.85
CA VAL C 2 2.52 -13.70 9.55
C VAL C 2 3.87 -14.37 9.33
N GLN C 3 3.97 -15.16 8.26
CA GLN C 3 5.15 -15.98 8.01
C GLN C 3 5.58 -15.94 6.55
N LEU C 4 6.88 -16.03 6.34
CA LEU C 4 7.45 -16.25 5.02
C LEU C 4 8.33 -17.48 5.05
N VAL C 5 7.92 -18.55 4.38
CA VAL C 5 8.72 -19.77 4.33
C VAL C 5 9.23 -20.00 2.91
N GLU C 6 10.51 -19.70 2.72
CA GLU C 6 11.12 -19.76 1.40
C GLU C 6 11.87 -21.07 1.13
N SER C 7 12.00 -21.42 -0.15
CA SER C 7 12.67 -22.65 -0.56
C SER C 7 13.22 -22.55 -1.99
N GLY C 8 13.95 -23.58 -2.40
CA GLY C 8 14.45 -23.65 -3.77
C GLY C 8 15.96 -23.50 -3.91
N GLY C 9 16.64 -23.20 -2.81
CA GLY C 9 18.09 -23.06 -2.82
C GLY C 9 18.82 -24.36 -3.11
N GLY C 10 20.14 -24.33 -3.03
CA GLY C 10 20.96 -25.52 -3.29
C GLY C 10 22.09 -25.29 -4.27
N LEU C 11 22.51 -26.36 -4.94
CA LEU C 11 23.69 -26.32 -5.80
C LEU C 11 23.31 -26.12 -7.28
N VAL C 12 24.07 -25.27 -7.95
CA VAL C 12 23.93 -25.08 -9.41
C VAL C 12 25.29 -24.84 -10.06
N GLN C 13 25.46 -25.36 -11.27
CA GLN C 13 26.69 -25.13 -12.03
C GLN C 13 26.71 -23.69 -12.55
N PRO C 14 27.91 -23.10 -12.69
CA PRO C 14 28.03 -21.80 -13.33
C PRO C 14 27.32 -21.77 -14.69
N GLY C 15 26.65 -20.65 -14.97
CA GLY C 15 25.89 -20.50 -16.21
C GLY C 15 24.49 -21.09 -16.13
N GLY C 16 24.27 -21.98 -15.17
CA GLY C 16 22.96 -22.60 -14.96
C GLY C 16 21.98 -21.71 -14.25
N SER C 17 20.76 -22.20 -14.06
CA SER C 17 19.69 -21.41 -13.46
C SER C 17 19.00 -22.10 -12.27
N LEU C 18 18.20 -21.33 -11.54
CA LEU C 18 17.55 -21.78 -10.31
C LEU C 18 16.41 -20.84 -9.95
N ARG C 19 15.32 -21.38 -9.40
CA ARG C 19 14.18 -20.54 -9.00
C ARG C 19 13.88 -20.66 -7.51
N LEU C 20 13.69 -19.52 -6.85
CA LEU C 20 13.48 -19.48 -5.41
C LEU C 20 12.04 -19.10 -5.09
N SER C 21 11.42 -19.87 -4.20
CA SER C 21 10.04 -19.63 -3.77
C SER C 21 10.04 -18.88 -2.46
N CYS C 22 8.98 -18.14 -2.20
CA CYS C 22 8.80 -17.40 -0.95
C CYS C 22 7.31 -17.45 -0.62
N ALA C 23 6.89 -18.53 0.04
CA ALA C 23 5.46 -18.76 0.32
C ALA C 23 4.99 -18.01 1.57
N ALA C 24 3.87 -17.31 1.44
CA ALA C 24 3.40 -16.45 2.50
C ALA C 24 2.20 -17.02 3.22
N SER C 25 2.13 -16.77 4.52
CA SER C 25 0.88 -16.98 5.26
C SER C 25 0.66 -15.85 6.26
N GLY C 26 -0.59 -15.43 6.41
CA GLY C 26 -0.92 -14.30 7.26
C GLY C 26 -1.16 -13.01 6.51
N PHE C 27 -0.87 -13.00 5.20
CA PHE C 27 -1.06 -11.84 4.34
C PHE C 27 -1.02 -12.20 2.86
N SER C 28 -1.62 -11.35 2.02
CA SER C 28 -1.60 -11.54 0.57
C SER C 28 -0.36 -10.94 -0.04
N ILE C 29 0.42 -11.77 -0.72
CA ILE C 29 1.57 -11.28 -1.47
C ILE C 29 1.17 -10.32 -2.60
N TRP C 30 0.05 -10.59 -3.26
N TRP C 30 0.04 -10.60 -3.25
CA TRP C 30 -0.40 -9.77 -4.39
CA TRP C 30 -0.42 -9.78 -4.37
C TRP C 30 -0.50 -8.28 -4.05
C TRP C 30 -0.51 -8.29 -4.04
N TRP C 31 -1.15 -7.95 -2.94
CA TRP C 31 -1.33 -6.55 -2.53
C TRP C 31 -0.13 -6.00 -1.77
N SER C 32 0.79 -6.89 -1.42
CA SER C 32 1.96 -6.49 -0.63
C SER C 32 3.12 -6.03 -1.50
N TRP C 33 4.28 -5.82 -0.87
CA TRP C 33 5.48 -5.37 -1.55
C TRP C 33 6.69 -6.22 -1.11
N ILE C 34 6.97 -7.24 -1.91
CA ILE C 34 7.95 -8.27 -1.59
C ILE C 34 9.32 -7.91 -2.13
N HIS C 35 10.34 -8.11 -1.29
CA HIS C 35 11.74 -7.77 -1.62
C HIS C 35 12.67 -8.95 -1.41
N TRP C 36 13.63 -9.13 -2.32
CA TRP C 36 14.70 -10.12 -2.16
C TRP C 36 16.04 -9.47 -1.79
N VAL C 37 16.73 -10.09 -0.83
CA VAL C 37 17.97 -9.56 -0.26
C VAL C 37 18.99 -10.70 -0.09
N ARG C 38 20.20 -10.51 -0.58
CA ARG C 38 21.24 -11.55 -0.45
C ARG C 38 22.42 -11.16 0.41
N GLN C 39 23.22 -12.17 0.77
CA GLN C 39 24.33 -11.99 1.69
C GLN C 39 25.43 -13.02 1.40
N ALA C 40 26.35 -12.66 0.52
CA ALA C 40 27.50 -13.50 0.19
C ALA C 40 28.25 -13.83 1.47
N PRO C 41 28.88 -15.03 1.55
CA PRO C 41 29.47 -15.42 2.83
C PRO C 41 30.45 -14.35 3.32
N GLY C 42 30.24 -13.89 4.55
CA GLY C 42 31.08 -12.85 5.17
C GLY C 42 31.01 -11.49 4.52
N LYS C 43 29.80 -11.05 4.19
CA LYS C 43 29.58 -9.77 3.51
C LYS C 43 28.34 -9.10 4.06
N GLY C 44 28.14 -7.84 3.67
CA GLY C 44 26.96 -7.09 4.07
C GLY C 44 25.71 -7.56 3.36
N LEU C 45 24.57 -6.98 3.73
CA LEU C 45 23.30 -7.28 3.07
C LEU C 45 23.24 -6.52 1.77
N GLU C 46 22.71 -7.17 0.74
CA GLU C 46 22.62 -6.58 -0.58
C GLU C 46 21.20 -6.75 -1.11
N TRP C 47 20.56 -5.65 -1.51
CA TRP C 47 19.25 -5.70 -2.13
C TRP C 47 19.37 -6.28 -3.53
N VAL C 48 18.41 -7.10 -3.94
CA VAL C 48 18.50 -7.81 -5.23
C VAL C 48 17.38 -7.42 -6.20
N ALA C 49 16.13 -7.63 -5.79
CA ALA C 49 14.96 -7.31 -6.61
C ALA C 49 13.72 -7.11 -5.76
N SER C 50 12.66 -6.55 -6.34
CA SER C 50 11.39 -6.38 -5.64
C SER C 50 10.18 -6.43 -6.57
N ILE C 51 9.00 -6.61 -5.98
CA ILE C 51 7.76 -6.74 -6.73
C ILE C 51 6.53 -6.25 -5.95
N SER C 52 5.74 -5.39 -6.60
CA SER C 52 4.41 -5.05 -6.10
C SER C 52 3.39 -5.66 -7.06
N PRO C 53 3.10 -6.95 -6.87
CA PRO C 53 2.38 -7.76 -7.86
C PRO C 53 1.07 -7.15 -8.35
N SER C 54 0.31 -6.52 -7.46
CA SER C 54 -0.94 -5.87 -7.84
C SER C 54 -0.69 -4.74 -8.84
N SER C 55 0.23 -3.83 -8.50
CA SER C 55 0.58 -2.71 -9.37
C SER C 55 1.40 -3.12 -10.60
N GLY C 56 2.01 -4.30 -10.53
CA GLY C 56 2.85 -4.79 -11.62
C GLY C 56 4.28 -4.26 -11.64
N TRP C 57 4.60 -3.35 -10.73
CA TRP C 57 5.94 -2.79 -10.67
C TRP C 57 6.96 -3.80 -10.17
N THR C 58 7.90 -4.17 -11.05
CA THR C 58 9.04 -5.00 -10.68
C THR C 58 10.32 -4.19 -10.82
N SER C 59 11.24 -4.38 -9.88
CA SER C 59 12.48 -3.61 -9.83
C SER C 59 13.66 -4.54 -9.58
N TYR C 60 14.78 -4.30 -10.26
CA TYR C 60 15.98 -5.12 -10.10
C TYR C 60 17.23 -4.28 -9.87
N ALA C 61 18.17 -4.83 -9.12
CA ALA C 61 19.49 -4.20 -8.92
C ALA C 61 20.35 -4.39 -10.15
N ASP C 62 21.01 -3.32 -10.57
CA ASP C 62 21.90 -3.32 -11.75
C ASP C 62 22.77 -4.57 -11.83
N SER C 63 23.16 -5.06 -10.66
CA SER C 63 23.95 -6.27 -10.50
C SER C 63 23.32 -7.50 -11.16
N VAL C 64 21.99 -7.63 -11.07
CA VAL C 64 21.29 -8.83 -11.55
C VAL C 64 20.31 -8.60 -12.71
N LYS C 65 20.22 -7.37 -13.21
CA LYS C 65 19.28 -7.03 -14.28
C LYS C 65 19.55 -7.79 -15.57
N GLY C 66 18.51 -8.46 -16.09
CA GLY C 66 18.64 -9.23 -17.32
C GLY C 66 18.86 -10.71 -17.08
N ARG C 67 19.21 -11.05 -15.84
CA ARG C 67 19.48 -12.43 -15.44
C ARG C 67 18.37 -12.93 -14.55
N PHE C 68 17.83 -12.04 -13.74
CA PHE C 68 16.82 -12.39 -12.74
C PHE C 68 15.41 -11.97 -13.16
N THR C 69 14.43 -12.82 -12.88
CA THR C 69 13.03 -12.48 -13.08
C THR C 69 12.25 -12.65 -11.79
N ILE C 70 11.67 -11.56 -11.30
CA ILE C 70 10.81 -11.62 -10.12
C ILE C 70 9.36 -11.76 -10.56
N SER C 71 8.60 -12.58 -9.85
CA SER C 71 7.20 -12.84 -10.20
C SER C 71 6.43 -13.29 -8.97
N ALA C 72 5.11 -13.37 -9.10
CA ALA C 72 4.29 -13.92 -8.03
C ALA C 72 3.03 -14.58 -8.59
N ASP C 73 2.71 -15.75 -8.03
CA ASP C 73 1.47 -16.44 -8.30
C ASP C 73 0.55 -16.10 -7.14
N THR C 74 -0.60 -15.53 -7.46
CA THR C 74 -1.55 -15.07 -6.45
C THR C 74 -2.25 -16.23 -5.73
N SER C 75 -2.65 -17.26 -6.49
CA SER C 75 -3.40 -18.40 -5.96
C SER C 75 -2.61 -19.21 -4.94
N LYS C 76 -1.31 -19.34 -5.18
CA LYS C 76 -0.40 -20.03 -4.27
C LYS C 76 0.06 -19.11 -3.15
N ASN C 77 -0.24 -17.82 -3.30
CA ASN C 77 0.23 -16.80 -2.37
C ASN C 77 1.76 -16.90 -2.19
N THR C 78 2.49 -16.86 -3.31
CA THR C 78 3.93 -17.04 -3.31
C THR C 78 4.64 -16.12 -4.31
N ALA C 79 5.79 -15.59 -3.89
CA ALA C 79 6.66 -14.80 -4.76
C ALA C 79 7.86 -15.64 -5.19
N TYR C 80 8.29 -15.49 -6.43
CA TYR C 80 9.42 -16.26 -6.95
C TYR C 80 10.56 -15.40 -7.40
N LEU C 81 11.76 -15.99 -7.40
CA LEU C 81 12.93 -15.34 -7.98
C LEU C 81 13.60 -16.31 -8.94
N GLN C 82 13.42 -16.04 -10.23
CA GLN C 82 14.04 -16.83 -11.28
C GLN C 82 15.43 -16.26 -11.50
N MET C 83 16.45 -17.12 -11.40
CA MET C 83 17.83 -16.67 -11.56
C MET C 83 18.47 -17.43 -12.70
N ASN C 84 18.87 -16.71 -13.73
CA ASN C 84 19.54 -17.32 -14.88
C ASN C 84 21.01 -16.89 -14.98
N SER C 85 21.80 -17.67 -15.73
CA SER C 85 23.19 -17.35 -15.98
C SER C 85 23.89 -17.02 -14.67
N LEU C 86 23.84 -17.95 -13.73
CA LEU C 86 24.46 -17.77 -12.43
C LEU C 86 25.97 -17.86 -12.49
N ARG C 87 26.62 -17.17 -11.56
CA ARG C 87 28.07 -17.12 -11.51
C ARG C 87 28.55 -17.31 -10.08
N ALA C 88 29.87 -17.38 -9.91
CA ALA C 88 30.51 -17.54 -8.61
C ALA C 88 29.99 -16.55 -7.58
N GLU C 89 30.00 -15.26 -7.91
CA GLU C 89 29.59 -14.21 -6.96
C GLU C 89 28.08 -14.09 -6.73
N ASP C 90 27.32 -15.06 -7.23
CA ASP C 90 25.91 -15.16 -6.91
C ASP C 90 25.69 -16.07 -5.70
N THR C 91 26.77 -16.72 -5.26
CA THR C 91 26.71 -17.65 -4.15
C THR C 91 26.46 -16.91 -2.85
N ALA C 92 25.26 -17.09 -2.29
CA ALA C 92 24.84 -16.33 -1.11
C ALA C 92 23.64 -16.95 -0.40
N VAL C 93 23.25 -16.34 0.71
CA VAL C 93 22.01 -16.69 1.39
C VAL C 93 21.00 -15.65 0.97
N TYR C 94 19.95 -16.10 0.30
CA TYR C 94 18.90 -15.22 -0.21
C TYR C 94 17.71 -15.18 0.73
N TYR C 95 17.34 -13.97 1.14
CA TYR C 95 16.15 -13.75 1.97
C TYR C 95 15.09 -13.04 1.17
N CYS C 96 13.82 -13.34 1.47
CA CYS C 96 12.71 -12.53 1.01
C CYS C 96 12.11 -11.83 2.21
N ALA C 97 11.62 -10.62 2.00
CA ALA C 97 11.02 -9.82 3.08
C ALA C 97 9.78 -9.04 2.62
N ARG C 98 9.01 -8.58 3.60
CA ARG C 98 7.82 -7.79 3.32
C ARG C 98 8.03 -6.32 3.73
N TRP C 99 7.80 -5.42 2.78
CA TRP C 99 7.80 -3.98 3.07
C TRP C 99 6.71 -3.63 4.08
N TRP C 100 7.03 -2.73 4.99
CA TRP C 100 6.12 -2.27 6.03
C TRP C 100 6.57 -0.93 6.59
N SER C 101 5.63 0.02 6.67
CA SER C 101 5.91 1.41 7.03
C SER C 101 6.92 2.04 6.09
N SER C 102 8.19 1.67 6.27
CA SER C 102 9.25 1.92 5.30
C SER C 102 10.45 1.16 5.80
N ALA C 103 10.23 -0.15 5.92
CA ALA C 103 11.20 -1.10 6.43
C ALA C 103 10.68 -2.46 6.03
N MET C 104 11.42 -3.50 6.38
CA MET C 104 11.00 -4.86 6.12
C MET C 104 10.79 -5.54 7.45
N ASP C 105 9.54 -5.84 7.77
CA ASP C 105 9.19 -6.39 9.08
C ASP C 105 9.25 -7.91 9.17
N TYR C 106 8.63 -8.61 8.24
CA TYR C 106 8.68 -10.07 8.22
C TYR C 106 9.66 -10.58 7.17
N TRP C 107 10.59 -11.42 7.62
CA TRP C 107 11.60 -12.00 6.73
C TRP C 107 11.44 -13.52 6.63
N GLY C 108 11.94 -14.08 5.53
CA GLY C 108 12.02 -15.53 5.37
C GLY C 108 13.18 -16.06 6.19
N GLN C 109 13.33 -17.37 6.28
CA GLN C 109 14.43 -17.93 7.06
C GLN C 109 15.75 -17.82 6.29
N GLY C 110 15.65 -17.72 4.97
CA GLY C 110 16.83 -17.61 4.13
C GLY C 110 17.25 -18.96 3.62
N THR C 111 17.33 -19.09 2.30
CA THR C 111 17.77 -20.31 1.66
C THR C 111 19.17 -20.06 1.09
N LEU C 112 19.99 -21.10 1.00
CA LEU C 112 21.37 -20.95 0.54
C LEU C 112 21.56 -21.43 -0.91
N VAL C 113 21.97 -20.51 -1.78
CA VAL C 113 22.29 -20.83 -3.17
C VAL C 113 23.79 -20.88 -3.33
N THR C 114 24.30 -22.02 -3.78
CA THR C 114 25.73 -22.20 -3.97
C THR C 114 26.07 -22.58 -5.42
N VAL C 115 26.83 -21.69 -6.06
CA VAL C 115 27.20 -21.84 -7.47
C VAL C 115 28.60 -22.44 -7.58
N SER C 116 28.66 -23.71 -7.96
CA SER C 116 29.91 -24.45 -7.98
C SER C 116 29.87 -25.54 -9.04
N SER C 117 31.05 -26.02 -9.42
CA SER C 117 31.18 -27.06 -10.44
C SER C 117 31.25 -28.44 -9.81
N ALA C 118 31.59 -28.50 -8.52
CA ALA C 118 31.66 -29.76 -7.80
C ALA C 118 30.26 -30.36 -7.64
N SER C 119 30.19 -31.69 -7.60
CA SER C 119 28.90 -32.37 -7.46
C SER C 119 28.52 -32.65 -5.99
N THR C 120 27.26 -33.00 -5.79
CA THR C 120 26.69 -33.25 -4.47
C THR C 120 27.26 -34.49 -3.82
N LYS C 121 27.76 -34.35 -2.60
CA LYS C 121 28.28 -35.49 -1.84
C LYS C 121 27.59 -35.62 -0.48
N GLY C 122 27.22 -36.87 -0.15
CA GLY C 122 26.53 -37.18 1.09
C GLY C 122 27.50 -37.36 2.25
N PRO C 123 27.10 -36.90 3.45
CA PRO C 123 27.97 -36.97 4.60
C PRO C 123 27.93 -38.33 5.28
N SER C 124 29.08 -38.78 5.76
CA SER C 124 29.13 -39.93 6.64
C SER C 124 29.33 -39.46 8.09
N VAL C 125 28.51 -39.98 8.98
CA VAL C 125 28.47 -39.54 10.38
C VAL C 125 29.16 -40.54 11.30
N PHE C 126 30.11 -40.03 12.08
CA PHE C 126 30.88 -40.88 12.99
C PHE C 126 30.74 -40.42 14.45
N PRO C 127 30.51 -41.37 15.37
CA PRO C 127 30.35 -41.04 16.79
C PRO C 127 31.65 -40.59 17.47
N LEU C 128 31.50 -39.70 18.45
CA LEU C 128 32.58 -39.26 19.31
C LEU C 128 32.22 -39.68 20.73
N ALA C 129 32.83 -40.77 21.18
CA ALA C 129 32.46 -41.39 22.46
C ALA C 129 33.38 -40.96 23.61
N PRO C 130 32.80 -40.73 24.80
CA PRO C 130 33.58 -40.46 26.01
C PRO C 130 34.26 -41.73 26.55
N SER C 131 35.29 -41.55 27.36
CA SER C 131 36.05 -42.67 27.93
C SER C 131 35.93 -42.72 29.47
N SER C 132 36.81 -43.49 30.11
CA SER C 132 36.82 -43.61 31.57
C SER C 132 37.38 -42.35 32.23
N GLY C 137 35.59 -37.25 36.99
CA GLY C 137 34.94 -36.65 35.83
C GLY C 137 33.96 -35.55 36.20
N GLY C 138 32.78 -35.94 36.66
CA GLY C 138 31.71 -34.99 37.00
C GLY C 138 30.81 -34.71 35.82
N THR C 139 31.39 -34.15 34.76
CA THR C 139 30.68 -33.86 33.52
C THR C 139 31.54 -34.25 32.31
N ALA C 140 30.94 -35.01 31.38
CA ALA C 140 31.63 -35.48 30.18
C ALA C 140 30.93 -35.05 28.89
N ALA C 141 31.67 -35.05 27.78
CA ALA C 141 31.16 -34.60 26.48
C ALA C 141 31.11 -35.72 25.44
N LEU C 142 30.10 -35.65 24.59
CA LEU C 142 29.94 -36.58 23.46
C LEU C 142 29.36 -35.83 22.26
N GLY C 143 29.53 -36.40 21.06
CA GLY C 143 29.02 -35.77 19.84
C GLY C 143 29.19 -36.56 18.56
N CYS C 144 28.79 -35.95 17.44
CA CYS C 144 28.89 -36.57 16.13
C CYS C 144 29.87 -35.83 15.23
N LEU C 145 30.45 -36.54 14.26
CA LEU C 145 31.31 -35.94 13.26
C LEU C 145 30.70 -36.12 11.87
N VAL C 146 30.33 -35.00 11.26
CA VAL C 146 29.73 -34.99 9.93
C VAL C 146 30.82 -34.64 8.91
N LYS C 147 31.44 -35.68 8.35
CA LYS C 147 32.61 -35.50 7.48
C LYS C 147 32.35 -35.79 6.01
N ASP C 148 32.97 -34.97 5.16
CA ASP C 148 32.98 -35.13 3.69
C ASP C 148 31.60 -35.04 3.02
N TYR C 149 31.11 -33.80 2.93
CA TYR C 149 29.85 -33.51 2.25
C TYR C 149 29.94 -32.21 1.45
N PHE C 150 29.02 -32.06 0.49
CA PHE C 150 28.95 -30.86 -0.34
C PHE C 150 27.59 -30.79 -1.02
N PRO C 151 26.98 -29.59 -1.06
CA PRO C 151 27.48 -28.35 -0.48
C PRO C 151 26.92 -28.10 0.91
N GLU C 152 27.20 -26.93 1.47
CA GLU C 152 26.55 -26.49 2.70
C GLU C 152 25.04 -26.40 2.44
N PRO C 153 24.20 -26.53 3.50
CA PRO C 153 24.50 -26.78 4.89
C PRO C 153 24.14 -28.20 5.37
N VAL C 154 24.50 -28.48 6.62
CA VAL C 154 24.05 -29.67 7.34
C VAL C 154 23.33 -29.22 8.61
N THR C 155 22.22 -29.87 8.94
CA THR C 155 21.51 -29.59 10.17
C THR C 155 21.71 -30.74 11.16
N VAL C 156 22.24 -30.41 12.34
CA VAL C 156 22.38 -31.37 13.42
C VAL C 156 21.52 -30.95 14.60
N SER C 157 20.66 -31.87 15.04
CA SER C 157 19.85 -31.69 16.24
C SER C 157 19.98 -32.96 17.09
N TRP C 158 19.54 -32.88 18.35
CA TRP C 158 19.68 -34.01 19.27
C TRP C 158 18.33 -34.49 19.82
N ASN C 159 18.09 -35.79 19.69
CA ASN C 159 16.86 -36.46 20.13
C ASN C 159 15.59 -35.82 19.58
N SER C 160 15.58 -35.58 18.27
CA SER C 160 14.48 -34.91 17.56
C SER C 160 14.17 -33.50 18.08
N GLY C 161 15.22 -32.76 18.42
CA GLY C 161 15.10 -31.38 18.90
C GLY C 161 14.73 -31.24 20.36
N ALA C 162 14.65 -32.37 21.07
CA ALA C 162 14.29 -32.39 22.50
C ALA C 162 15.43 -31.92 23.42
N LEU C 163 16.67 -32.23 23.04
CA LEU C 163 17.83 -31.78 23.80
C LEU C 163 18.51 -30.58 23.12
N THR C 164 18.54 -29.44 23.82
CA THR C 164 19.07 -28.20 23.26
C THR C 164 20.30 -27.63 23.97
N SER C 165 20.24 -27.48 25.29
CA SER C 165 21.34 -26.86 26.05
C SER C 165 22.49 -27.83 26.33
N GLY C 166 23.71 -27.32 26.17
CA GLY C 166 24.92 -28.15 26.21
C GLY C 166 25.45 -28.40 24.82
N VAL C 167 24.58 -28.24 23.82
CA VAL C 167 24.88 -28.53 22.42
C VAL C 167 25.70 -27.42 21.74
N HIS C 168 26.83 -27.81 21.16
CA HIS C 168 27.61 -26.93 20.31
C HIS C 168 27.82 -27.57 18.93
N THR C 169 27.16 -27.01 17.92
CA THR C 169 27.39 -27.40 16.53
C THR C 169 28.34 -26.39 15.89
N PHE C 170 29.56 -26.83 15.60
CA PHE C 170 30.59 -25.95 15.07
C PHE C 170 30.35 -25.57 13.61
N PRO C 171 30.74 -24.35 13.21
CA PRO C 171 30.64 -23.97 11.80
C PRO C 171 31.59 -24.77 10.93
N ALA C 172 31.08 -25.27 9.81
CA ALA C 172 31.80 -26.18 8.91
C ALA C 172 33.15 -25.64 8.42
N VAL C 173 34.06 -26.57 8.11
CA VAL C 173 35.38 -26.23 7.62
C VAL C 173 35.61 -26.84 6.24
N LEU C 174 36.11 -26.02 5.32
CA LEU C 174 36.46 -26.48 3.98
C LEU C 174 37.79 -27.23 4.04
N GLN C 175 37.76 -28.48 3.58
CA GLN C 175 38.94 -29.35 3.61
C GLN C 175 39.76 -29.21 2.34
N SER C 176 40.96 -29.81 2.34
CA SER C 176 41.84 -29.79 1.19
C SER C 176 41.21 -30.48 0.00
N SER C 177 40.34 -31.45 0.29
CA SER C 177 39.62 -32.21 -0.72
C SER C 177 38.49 -31.42 -1.41
N GLY C 178 38.16 -30.25 -0.87
CA GLY C 178 37.09 -29.42 -1.41
C GLY C 178 35.74 -29.72 -0.80
N LEU C 179 35.67 -30.78 0.01
CA LEU C 179 34.45 -31.16 0.72
C LEU C 179 34.41 -30.54 2.11
N TYR C 180 33.22 -30.46 2.69
CA TYR C 180 33.05 -29.86 4.02
C TYR C 180 33.00 -30.91 5.11
N SER C 181 33.30 -30.47 6.33
CA SER C 181 33.29 -31.33 7.52
C SER C 181 33.05 -30.49 8.76
N LEU C 182 32.12 -30.92 9.60
CA LEU C 182 31.87 -30.26 10.89
C LEU C 182 31.66 -31.25 12.02
N SER C 183 31.81 -30.77 13.25
CA SER C 183 31.57 -31.59 14.44
C SER C 183 30.46 -30.96 15.29
N SER C 184 29.66 -31.80 15.94
CA SER C 184 28.62 -31.31 16.86
C SER C 184 28.65 -32.04 18.20
N VAL C 185 29.07 -31.32 19.24
CA VAL C 185 29.26 -31.88 20.58
C VAL C 185 28.18 -31.47 21.59
N VAL C 186 28.10 -32.20 22.69
CA VAL C 186 27.19 -31.88 23.80
C VAL C 186 27.73 -32.45 25.11
N THR C 187 27.63 -31.66 26.18
CA THR C 187 28.09 -32.06 27.51
C THR C 187 26.92 -32.56 28.37
N VAL C 188 27.15 -33.68 29.06
CA VAL C 188 26.15 -34.28 29.95
C VAL C 188 26.84 -34.89 31.19
N PRO C 189 26.12 -34.94 32.34
CA PRO C 189 26.66 -35.53 33.58
C PRO C 189 27.31 -36.90 33.38
N SER C 190 28.48 -37.10 34.02
CA SER C 190 29.25 -38.34 33.90
C SER C 190 28.61 -39.56 34.58
N SER C 191 27.46 -39.34 35.21
CA SER C 191 26.70 -40.42 35.84
C SER C 191 25.47 -40.81 35.02
N SER C 192 25.38 -40.28 33.80
CA SER C 192 24.27 -40.57 32.89
C SER C 192 24.64 -41.61 31.82
N LEU C 193 25.91 -41.94 31.74
CA LEU C 193 26.43 -42.89 30.75
C LEU C 193 25.91 -44.31 31.01
N GLY C 194 25.37 -44.93 29.97
CA GLY C 194 24.85 -46.30 30.06
C GLY C 194 23.34 -46.36 29.97
N THR C 195 22.67 -45.88 31.03
CA THR C 195 21.20 -45.92 31.11
C THR C 195 20.55 -44.64 30.55
N GLN C 196 21.33 -43.87 29.79
CA GLN C 196 20.82 -42.70 29.07
C GLN C 196 21.69 -42.44 27.82
N THR C 197 21.19 -42.87 26.68
CA THR C 197 21.88 -42.67 25.40
C THR C 197 21.24 -41.54 24.59
N TYR C 198 22.05 -40.90 23.75
CA TYR C 198 21.61 -39.72 22.99
C TYR C 198 21.78 -39.94 21.49
N ILE C 199 20.80 -39.49 20.72
CA ILE C 199 20.80 -39.65 19.26
C ILE C 199 20.98 -38.29 18.58
N CYS C 200 21.94 -38.20 17.67
CA CYS C 200 22.11 -36.99 16.86
C CYS C 200 21.44 -37.16 15.50
N ASN C 201 20.74 -36.11 15.07
CA ASN C 201 19.95 -36.14 13.85
C ASN C 201 20.59 -35.30 12.76
N VAL C 202 21.41 -35.95 11.92
CA VAL C 202 22.09 -35.28 10.82
C VAL C 202 21.21 -35.25 9.58
N ASN C 203 21.14 -34.08 8.95
CA ASN C 203 20.35 -33.91 7.75
C ASN C 203 21.06 -33.04 6.70
N HIS C 204 21.48 -33.69 5.62
CA HIS C 204 22.07 -33.02 4.47
C HIS C 204 21.07 -33.07 3.32
N LYS C 205 20.30 -32.00 3.20
CA LYS C 205 19.19 -31.92 2.25
C LYS C 205 19.58 -32.23 0.79
N PRO C 206 20.62 -31.54 0.25
CA PRO C 206 21.05 -31.77 -1.14
C PRO C 206 21.31 -33.23 -1.54
N SER C 207 21.62 -34.09 -0.58
CA SER C 207 21.92 -35.50 -0.87
C SER C 207 20.87 -36.48 -0.34
N ASN C 208 19.88 -35.95 0.38
CA ASN C 208 18.79 -36.75 0.99
C ASN C 208 19.28 -37.80 1.99
N THR C 209 20.10 -37.36 2.95
CA THR C 209 20.66 -38.25 3.95
C THR C 209 20.15 -37.90 5.34
N LYS C 210 19.44 -38.84 5.97
CA LYS C 210 18.95 -38.69 7.34
C LYS C 210 19.55 -39.79 8.20
N VAL C 211 20.69 -39.49 8.82
CA VAL C 211 21.38 -40.46 9.67
C VAL C 211 21.05 -40.21 11.14
N ASP C 212 20.71 -41.28 11.85
CA ASP C 212 20.50 -41.24 13.28
C ASP C 212 21.56 -42.10 13.97
N LYS C 213 22.68 -41.49 14.30
CA LYS C 213 23.78 -42.20 14.95
C LYS C 213 23.73 -42.03 16.47
N LYS C 214 23.38 -43.11 17.16
CA LYS C 214 23.33 -43.12 18.61
C LYS C 214 24.75 -43.27 19.16
N VAL C 215 25.15 -42.30 19.97
CA VAL C 215 26.48 -42.29 20.58
C VAL C 215 26.44 -43.00 21.93
N GLU C 216 27.33 -43.96 22.11
CA GLU C 216 27.37 -44.79 23.32
C GLU C 216 28.76 -44.78 23.97
N PRO C 217 28.81 -44.79 25.32
CA PRO C 217 30.08 -44.82 26.04
C PRO C 217 30.92 -46.08 25.75
N LYS C 218 31.79 -45.98 24.75
CA LYS C 218 32.70 -47.06 24.39
C LYS C 218 34.01 -46.52 23.81
#